data_1NMC
#
_entry.id   1NMC
#
_cell.length_a   144.400
_cell.length_b   144.400
_cell.length_c   227.000
_cell.angle_alpha   90.00
_cell.angle_beta   90.00
_cell.angle_gamma   90.00
#
_symmetry.space_group_name_H-M   'P 4 21 2'
#
loop_
_entity.id
_entity.type
_entity.pdbx_description
1 polymer NEURAMINIDASE
2 polymer 'SINGLE CHAIN ANTIBODY'
3 polymer 'SINGLE CHAIN ANTIBODY'
4 branched alpha-D-mannopyranose-(1-2)-alpha-D-mannopyranose-(1-2)-alpha-D-mannopyranose-(1-3)-beta-D-mannopyranose-(1-4)-2-acetamido-2-deoxy-beta-D-glucopyranose-(1-4)-2-acetamido-2-deoxy-beta-D-glucopyranose
5 non-polymer alpha-D-mannopyranose
6 non-polymer 2-acetamido-2-deoxy-beta-D-glucopyranose
7 non-polymer 'CALCIUM ION'
8 water water
#
loop_
_entity_poly.entity_id
_entity_poly.type
_entity_poly.pdbx_seq_one_letter_code
_entity_poly.pdbx_strand_id
1 'polypeptide(L)'
;RDFNNLTKGLCTINSWHIYGKDNAVRIGEDSDVLVTREPYVSCDPDECRFYALSQGTTIRGKHSNGTIHDRSQYRALISW
PLSSPPTVYNSRVECIGWSSTSCHDGKTRMSICISGPNNNASAVIWYNRRPVTEINTWARNILRTQESECVCHNGVCPVV
FTDGSATGPAETRIYYFKEGKILKWEPLAGTAKHIEECSCYGERAEITCTCRDNWQGSNRPVIRIDPVAMTHTSQYICSP
VLTDNPRPNDPTVGKCNDPYPGNNNNGVKGFSYLDGVNTWLGRTISIASRSGYEMLKVPNALTDDKSKPTQGQTIVLNTD
WSGYSGSFMDYWAEGECYRACFYVELIRGRPKEDKVWWTSNSIVSMCSSTEFLGQWDWPDGAKIEYFL
;
N,A
2 'polypeptide(L)'
;QVQLQQSGAELVKPGASVRMSCKASGYTFTNYNMYWVKQSPGQGLEWIGIFYPGNGDTSYNQKFKDKATLTADKSSNTAY
MQLSSLTSEDSAVYYCARSGGSYRYDGGFDYWGQGTTVTVSS
;
H,B
3 'polypeptide(L)'
;DIELTQTTSSLSASLGDRVTISCRASQDISNYLNWYQQNPDGTVKLLIYYTSNLHSEVPSRFSGSGSGTDYSLTISNLEQ
EDIATYFCQQDFTLPFTFGGGTKLEIRDY
;
L,C
#
# COMPACT_ATOMS: atom_id res chain seq x y z
N ARG A 1 -39.35 42.29 -76.22
CA ARG A 1 -37.89 41.98 -76.17
C ARG A 1 -37.63 40.78 -77.08
N ASP A 2 -36.40 40.68 -77.59
CA ASP A 2 -36.02 39.59 -78.46
C ASP A 2 -35.21 38.65 -77.61
N PHE A 3 -34.80 37.55 -78.23
CA PHE A 3 -33.97 36.57 -77.56
C PHE A 3 -32.53 37.09 -77.58
N ASN A 4 -31.81 36.94 -76.47
CA ASN A 4 -30.42 37.39 -76.36
C ASN A 4 -29.50 36.50 -77.18
N ASN A 5 -28.48 37.09 -77.80
CA ASN A 5 -27.47 36.37 -78.58
C ASN A 5 -26.09 36.66 -78.00
N LEU A 6 -25.25 35.64 -77.89
CA LEU A 6 -23.89 35.78 -77.36
C LEU A 6 -23.00 36.40 -78.41
N THR A 7 -23.10 37.70 -78.59
CA THR A 7 -22.33 38.40 -79.60
C THR A 7 -20.94 38.84 -79.20
N LYS A 8 -20.71 39.04 -77.90
CA LYS A 8 -19.41 39.51 -77.41
C LYS A 8 -18.46 38.46 -76.86
N GLY A 9 -17.19 38.85 -76.72
CA GLY A 9 -16.16 38.00 -76.15
C GLY A 9 -15.93 38.50 -74.73
N LEU A 10 -15.06 37.83 -73.97
CA LEU A 10 -14.75 38.20 -72.58
C LEU A 10 -13.88 39.44 -72.48
N CYS A 11 -13.95 40.15 -71.36
CA CYS A 11 -13.10 41.33 -71.20
C CYS A 11 -11.80 40.81 -70.63
N THR A 12 -10.78 41.64 -70.63
CA THR A 12 -9.48 41.26 -70.07
C THR A 12 -9.56 41.26 -68.55
N ILE A 13 -9.18 40.13 -67.95
CA ILE A 13 -9.22 39.97 -66.51
C ILE A 13 -7.83 40.23 -65.90
N ASN A 14 -7.68 41.40 -65.28
CA ASN A 14 -6.44 41.77 -64.63
C ASN A 14 -6.54 41.64 -63.12
N SER A 15 -7.76 41.65 -62.58
CA SER A 15 -8.02 41.46 -61.15
C SER A 15 -9.53 41.28 -60.91
N TRP A 16 -9.94 41.00 -59.65
CA TRP A 16 -11.34 40.82 -59.23
C TRP A 16 -11.70 41.86 -58.15
N HIS A 17 -12.94 42.35 -58.19
CA HIS A 17 -13.45 43.37 -57.25
C HIS A 17 -14.76 42.83 -56.64
N ILE A 18 -15.13 43.23 -55.40
CA ILE A 18 -16.39 42.73 -54.80
C ILE A 18 -17.61 43.18 -55.60
N TYR A 19 -18.55 42.26 -55.70
CA TYR A 19 -19.80 42.48 -56.41
C TYR A 19 -20.93 42.44 -55.36
N GLY A 20 -20.99 41.37 -54.57
CA GLY A 20 -22.03 41.22 -53.57
C GLY A 20 -21.65 40.27 -52.44
N LYS A 21 -22.22 40.50 -51.25
CA LYS A 21 -21.97 39.69 -50.06
C LYS A 21 -23.20 39.88 -49.17
N ASP A 22 -23.77 38.81 -48.63
CA ASP A 22 -24.97 38.92 -47.81
C ASP A 22 -24.88 38.81 -46.29
N ASN A 23 -23.77 38.27 -45.76
CA ASN A 23 -23.59 38.15 -44.30
C ASN A 23 -24.78 37.46 -43.61
N ALA A 24 -25.34 36.47 -44.30
CA ALA A 24 -26.51 35.73 -43.83
C ALA A 24 -26.41 35.10 -42.46
N VAL A 25 -25.29 34.47 -42.14
CA VAL A 25 -25.18 33.84 -40.83
C VAL A 25 -24.98 34.83 -39.66
N ARG A 26 -24.37 35.98 -39.93
CA ARG A 26 -24.19 37.00 -38.88
C ARG A 26 -25.55 37.53 -38.53
N ILE A 27 -26.24 38.05 -39.54
CA ILE A 27 -27.58 38.63 -39.37
C ILE A 27 -28.58 37.61 -38.85
N GLY A 28 -28.49 36.38 -39.34
CA GLY A 28 -29.39 35.30 -38.91
C GLY A 28 -29.32 34.87 -37.45
N GLU A 29 -28.27 35.29 -36.73
CA GLU A 29 -28.16 34.96 -35.30
C GLU A 29 -29.33 35.64 -34.53
N ASP A 30 -29.90 36.69 -35.13
CA ASP A 30 -31.02 37.42 -34.54
C ASP A 30 -31.93 37.98 -35.66
N SER A 31 -32.48 37.09 -36.48
CA SER A 31 -33.33 37.49 -37.57
C SER A 31 -33.97 36.26 -38.18
N ASP A 32 -35.00 36.44 -38.99
CA ASP A 32 -35.70 35.34 -39.63
C ASP A 32 -35.11 34.95 -40.97
N VAL A 33 -33.90 34.42 -40.90
CA VAL A 33 -33.13 34.00 -42.06
C VAL A 33 -33.20 32.47 -42.25
N LEU A 34 -33.55 32.08 -43.48
CA LEU A 34 -33.67 30.67 -43.84
C LEU A 34 -32.33 29.92 -43.90
N VAL A 35 -32.32 28.65 -43.46
CA VAL A 35 -31.13 27.79 -43.59
C VAL A 35 -31.10 27.40 -45.11
N THR A 36 -29.94 27.55 -45.74
CA THR A 36 -29.77 27.25 -47.16
C THR A 36 -28.45 26.49 -47.42
N ARG A 37 -28.15 26.28 -48.71
CA ARG A 37 -26.93 25.66 -49.23
C ARG A 37 -27.12 25.48 -50.73
N GLU A 38 -26.00 25.37 -51.45
CA GLU A 38 -25.95 25.22 -52.91
C GLU A 38 -26.51 26.45 -53.58
N PRO A 39 -25.87 27.62 -53.38
CA PRO A 39 -26.30 28.89 -53.96
C PRO A 39 -25.68 29.26 -55.30
N TYR A 40 -26.21 30.31 -55.91
CA TYR A 40 -25.68 30.83 -57.16
C TYR A 40 -26.23 32.23 -57.40
N VAL A 41 -25.89 32.83 -58.55
CA VAL A 41 -26.33 34.17 -58.89
C VAL A 41 -26.78 34.08 -60.36
N SER A 42 -27.74 34.91 -60.77
CA SER A 42 -28.22 34.89 -62.14
C SER A 42 -28.92 36.20 -62.48
N CYS A 43 -28.69 36.71 -63.68
CA CYS A 43 -29.27 37.99 -64.08
C CYS A 43 -30.45 37.93 -65.04
N ASP A 44 -31.20 39.03 -65.03
CA ASP A 44 -32.36 39.25 -65.88
C ASP A 44 -31.98 40.50 -66.64
N PRO A 45 -32.74 40.84 -67.66
CA PRO A 45 -32.39 42.04 -68.40
C PRO A 45 -32.42 43.29 -67.53
N ASP A 46 -33.13 43.20 -66.41
CA ASP A 46 -33.28 44.34 -65.52
C ASP A 46 -32.67 44.25 -64.12
N GLU A 47 -32.27 43.05 -63.66
CA GLU A 47 -31.69 42.92 -62.33
C GLU A 47 -31.04 41.56 -62.15
N CYS A 48 -30.07 41.46 -61.25
CA CYS A 48 -29.39 40.18 -60.94
C CYS A 48 -29.81 39.86 -59.51
N ARG A 49 -29.94 38.59 -59.16
CA ARG A 49 -30.40 38.16 -57.83
C ARG A 49 -29.60 36.98 -57.31
N PHE A 50 -29.77 36.69 -56.02
CA PHE A 50 -29.12 35.56 -55.37
C PHE A 50 -30.11 34.38 -55.40
N TYR A 51 -29.61 33.16 -55.52
CA TYR A 51 -30.44 31.95 -55.60
C TYR A 51 -29.81 30.93 -54.68
N ALA A 52 -30.60 30.00 -54.16
CA ALA A 52 -30.12 28.93 -53.31
C ALA A 52 -31.23 27.95 -53.00
N LEU A 53 -30.87 26.82 -52.42
CA LEU A 53 -31.81 25.76 -52.06
C LEU A 53 -32.06 25.81 -50.54
N SER A 54 -33.27 26.23 -50.18
CA SER A 54 -33.69 26.36 -48.80
C SER A 54 -33.85 25.02 -48.09
N GLN A 55 -33.86 25.06 -46.77
CA GLN A 55 -34.05 23.84 -46.01
C GLN A 55 -35.37 23.86 -45.22
N GLY A 56 -36.25 24.83 -45.48
CA GLY A 56 -37.53 24.87 -44.78
C GLY A 56 -37.55 25.14 -43.28
N THR A 57 -36.63 25.97 -42.79
CA THR A 57 -36.52 26.37 -41.37
C THR A 57 -35.66 27.63 -41.37
N THR A 58 -35.69 28.34 -40.24
CA THR A 58 -34.83 29.50 -40.01
C THR A 58 -33.64 28.93 -39.22
N ILE A 59 -32.47 29.57 -39.28
CA ILE A 59 -31.26 29.14 -38.57
C ILE A 59 -31.47 28.94 -37.07
N ARG A 60 -32.16 29.88 -36.44
CA ARG A 60 -32.39 29.83 -34.99
C ARG A 60 -33.56 28.90 -34.54
N GLY A 61 -34.32 28.36 -35.51
CA GLY A 61 -35.45 27.49 -35.18
C GLY A 61 -35.10 26.06 -34.82
N LYS A 62 -35.91 25.43 -33.97
CA LYS A 62 -35.64 24.08 -33.57
C LYS A 62 -35.52 23.07 -34.72
N HIS A 63 -36.18 23.31 -35.85
CA HIS A 63 -36.11 22.36 -36.97
C HIS A 63 -34.80 22.43 -37.74
N SER A 64 -33.88 23.30 -37.31
CA SER A 64 -32.59 23.45 -37.99
C SER A 64 -31.70 22.27 -37.64
N ASN A 65 -32.04 21.61 -36.55
CA ASN A 65 -31.31 20.44 -36.09
C ASN A 65 -31.45 19.34 -37.14
N GLY A 66 -30.33 18.91 -37.71
CA GLY A 66 -30.37 17.85 -38.72
C GLY A 66 -30.32 18.32 -40.15
N THR A 67 -30.02 19.60 -40.34
CA THR A 67 -29.95 20.18 -41.66
C THR A 67 -28.73 19.80 -42.49
N ILE A 68 -27.92 18.87 -42.00
CA ILE A 68 -26.79 18.47 -42.79
C ILE A 68 -27.29 17.65 -44.02
N HIS A 69 -28.37 16.91 -43.86
CA HIS A 69 -28.91 16.11 -44.96
C HIS A 69 -29.28 16.97 -46.15
N ASP A 70 -29.08 16.44 -47.36
CA ASP A 70 -29.35 17.20 -48.57
C ASP A 70 -30.64 16.98 -49.35
N ARG A 71 -31.34 15.87 -49.12
CA ARG A 71 -32.55 15.64 -49.90
C ARG A 71 -33.79 15.40 -49.06
N SER A 72 -34.80 16.27 -49.21
CA SER A 72 -36.04 16.12 -48.47
C SER A 72 -37.19 16.84 -49.17
N GLN A 73 -38.39 16.65 -48.65
CA GLN A 73 -39.52 17.31 -49.27
C GLN A 73 -39.69 18.74 -48.73
N TYR A 74 -38.74 19.18 -47.93
CA TYR A 74 -38.82 20.51 -47.32
C TYR A 74 -37.88 21.52 -47.96
N ARG A 75 -37.32 21.20 -49.13
CA ARG A 75 -36.43 22.12 -49.83
C ARG A 75 -37.13 22.74 -51.03
N ALA A 76 -36.59 23.85 -51.53
CA ALA A 76 -37.12 24.55 -52.69
C ALA A 76 -36.07 25.52 -53.19
N LEU A 77 -36.16 25.91 -54.43
CA LEU A 77 -35.22 26.87 -54.98
C LEU A 77 -35.78 28.25 -54.65
N ILE A 78 -35.01 29.08 -53.94
CA ILE A 78 -35.46 30.45 -53.67
C ILE A 78 -34.52 31.50 -54.29
N SER A 79 -35.05 32.70 -54.45
CA SER A 79 -34.29 33.84 -54.94
C SER A 79 -34.64 35.09 -54.11
N TRP A 80 -33.63 35.83 -53.66
CA TRP A 80 -33.82 37.08 -52.93
C TRP A 80 -33.02 38.21 -53.65
N PRO A 81 -33.27 39.49 -53.29
CA PRO A 81 -32.53 40.54 -54.00
C PRO A 81 -31.04 40.52 -53.67
N LEU A 82 -30.24 40.98 -54.62
CA LEU A 82 -28.80 41.00 -54.50
C LEU A 82 -28.25 41.64 -53.21
N SER A 83 -27.52 40.83 -52.43
CA SER A 83 -26.88 41.24 -51.17
C SER A 83 -27.64 41.27 -49.85
N SER A 84 -28.94 40.98 -49.89
CA SER A 84 -29.74 40.90 -48.68
C SER A 84 -29.62 39.45 -48.27
N PRO A 85 -30.04 39.12 -47.03
CA PRO A 85 -29.94 37.70 -46.68
C PRO A 85 -31.21 36.99 -47.16
N PRO A 86 -31.21 35.63 -47.16
CA PRO A 86 -32.40 34.86 -47.60
C PRO A 86 -33.38 34.82 -46.42
N THR A 87 -34.33 35.75 -46.45
CA THR A 87 -35.32 35.94 -45.40
C THR A 87 -36.68 35.26 -45.59
N VAL A 88 -37.32 34.87 -44.49
CA VAL A 88 -38.63 34.25 -44.62
C VAL A 88 -39.56 35.21 -45.37
N TYR A 89 -39.50 36.49 -45.03
CA TYR A 89 -40.34 37.53 -45.63
C TYR A 89 -39.94 38.12 -46.96
N ASN A 90 -38.71 37.93 -47.43
CA ASN A 90 -38.35 38.55 -48.70
C ASN A 90 -37.90 37.61 -49.83
N SER A 91 -37.95 36.31 -49.58
CA SER A 91 -37.55 35.31 -50.57
C SER A 91 -38.70 34.92 -51.50
N ARG A 92 -38.42 34.64 -52.76
CA ARG A 92 -39.46 34.25 -53.69
C ARG A 92 -39.18 32.81 -54.13
N VAL A 93 -40.08 31.88 -53.82
CA VAL A 93 -39.92 30.47 -54.19
C VAL A 93 -39.98 30.27 -55.70
N GLU A 94 -38.93 29.73 -56.32
CA GLU A 94 -38.96 29.51 -57.77
C GLU A 94 -39.58 28.15 -58.14
N CYS A 95 -39.29 27.11 -57.34
CA CYS A 95 -39.89 25.78 -57.52
C CYS A 95 -39.51 24.84 -56.40
N ILE A 96 -40.11 23.65 -56.38
CA ILE A 96 -39.86 22.69 -55.32
C ILE A 96 -38.93 21.53 -55.73
N GLY A 97 -37.85 21.34 -54.96
CA GLY A 97 -36.90 20.27 -55.24
C GLY A 97 -35.58 20.40 -54.49
N TRP A 98 -34.74 19.37 -54.59
CA TRP A 98 -33.44 19.36 -53.92
C TRP A 98 -32.22 19.49 -54.85
N SER A 99 -32.46 19.79 -56.14
CA SER A 99 -31.41 20.01 -57.15
C SER A 99 -32.01 20.98 -58.15
N SER A 100 -31.20 21.87 -58.74
CA SER A 100 -31.74 22.88 -59.65
C SER A 100 -30.75 23.60 -60.56
N THR A 101 -31.34 24.44 -61.43
CA THR A 101 -30.66 25.32 -62.37
C THR A 101 -31.70 26.38 -62.83
N SER A 102 -31.26 27.52 -63.40
CA SER A 102 -32.17 28.59 -63.84
C SER A 102 -31.49 29.62 -64.75
N CYS A 103 -32.23 30.25 -65.65
CA CYS A 103 -31.66 31.25 -66.56
C CYS A 103 -32.67 31.98 -67.45
N HIS A 104 -32.33 33.23 -67.79
CA HIS A 104 -33.19 34.09 -68.58
C HIS A 104 -32.73 34.02 -70.03
N ASP A 105 -33.66 34.14 -70.98
CA ASP A 105 -33.32 34.08 -72.39
C ASP A 105 -33.49 35.38 -73.15
N GLY A 106 -33.65 36.47 -72.41
CA GLY A 106 -33.87 37.75 -73.04
C GLY A 106 -35.34 38.09 -72.95
N LYS A 107 -36.21 37.13 -73.22
CA LYS A 107 -37.65 37.35 -73.12
C LYS A 107 -38.18 37.09 -71.70
N THR A 108 -37.95 35.89 -71.19
CA THR A 108 -38.38 35.50 -69.84
C THR A 108 -37.40 34.46 -69.24
N ARG A 109 -37.72 33.91 -68.08
CA ARG A 109 -36.83 32.97 -67.39
C ARG A 109 -37.30 31.52 -67.30
N MET A 110 -36.32 30.60 -67.33
CA MET A 110 -36.60 29.17 -67.24
C MET A 110 -35.96 28.61 -65.96
N SER A 111 -36.75 27.92 -65.15
CA SER A 111 -36.22 27.32 -63.93
C SER A 111 -36.50 25.83 -63.95
N ILE A 112 -35.62 25.04 -63.33
CA ILE A 112 -35.76 23.59 -63.29
C ILE A 112 -35.44 23.11 -61.88
N CYS A 113 -36.33 22.29 -61.32
CA CYS A 113 -36.19 21.70 -59.97
C CYS A 113 -36.47 20.21 -60.08
N ILE A 114 -35.69 19.41 -59.35
CA ILE A 114 -35.81 17.95 -59.34
C ILE A 114 -36.19 17.53 -57.93
N SER A 115 -37.11 16.59 -57.77
CA SER A 115 -37.51 16.10 -56.45
C SER A 115 -37.77 14.59 -56.49
N GLY A 116 -38.13 14.01 -55.36
CA GLY A 116 -38.42 12.59 -55.36
C GLY A 116 -37.40 11.73 -54.63
N PRO A 117 -37.72 10.45 -54.43
CA PRO A 117 -36.81 9.52 -53.76
C PRO A 117 -35.64 9.22 -54.70
N ASN A 118 -34.57 8.65 -54.19
CA ASN A 118 -33.39 8.36 -55.02
C ASN A 118 -33.63 7.49 -56.24
N ASN A 119 -34.60 6.59 -56.18
CA ASN A 119 -34.89 5.71 -57.31
C ASN A 119 -36.10 6.07 -58.14
N ASN A 120 -36.69 7.23 -57.88
CA ASN A 120 -37.89 7.60 -58.62
C ASN A 120 -38.02 9.13 -58.72
N ALA A 121 -36.90 9.79 -58.96
CA ALA A 121 -36.89 11.24 -59.05
C ALA A 121 -37.35 11.74 -60.43
N SER A 122 -37.73 13.02 -60.51
CA SER A 122 -38.18 13.62 -61.77
C SER A 122 -37.99 15.13 -61.78
N ALA A 123 -37.76 15.68 -62.98
CA ALA A 123 -37.54 17.11 -63.17
C ALA A 123 -38.76 17.77 -63.79
N VAL A 124 -39.11 18.96 -63.30
CA VAL A 124 -40.22 19.71 -63.88
C VAL A 124 -39.60 21.07 -64.29
N ILE A 125 -39.74 21.41 -65.57
CA ILE A 125 -39.20 22.61 -66.18
C ILE A 125 -40.22 23.76 -66.20
N TRP A 126 -39.94 24.83 -65.45
CA TRP A 126 -40.83 26.01 -65.43
C TRP A 126 -40.33 27.08 -66.39
N TYR A 127 -41.23 27.63 -67.20
CA TYR A 127 -40.85 28.68 -68.13
C TYR A 127 -41.92 29.72 -67.86
N ASN A 128 -41.48 30.95 -67.60
CA ASN A 128 -42.38 32.05 -67.29
C ASN A 128 -43.27 31.80 -66.05
N ARG A 129 -42.69 31.18 -65.04
CA ARG A 129 -43.37 30.88 -63.79
C ARG A 129 -44.54 29.90 -63.88
N ARG A 130 -44.53 29.07 -64.93
CA ARG A 130 -45.55 28.04 -65.19
C ARG A 130 -44.88 26.73 -65.63
N PRO A 131 -45.39 25.57 -65.15
CA PRO A 131 -44.86 24.25 -65.50
C PRO A 131 -45.03 23.99 -66.98
N VAL A 132 -44.01 23.52 -67.65
CA VAL A 132 -44.18 23.27 -69.06
C VAL A 132 -43.82 21.84 -69.51
N THR A 133 -42.77 21.28 -68.95
CA THR A 133 -42.28 19.96 -69.33
C THR A 133 -41.86 19.20 -68.07
N GLU A 134 -41.89 17.86 -68.12
CA GLU A 134 -41.49 17.04 -66.97
C GLU A 134 -40.64 15.89 -67.53
N ILE A 135 -39.67 15.45 -66.76
CA ILE A 135 -38.76 14.40 -67.21
C ILE A 135 -38.53 13.42 -66.08
N ASN A 136 -38.69 12.13 -66.38
CA ASN A 136 -38.50 11.11 -65.35
C ASN A 136 -37.06 10.58 -65.33
N THR A 137 -36.64 10.09 -64.17
CA THR A 137 -35.31 9.49 -63.98
C THR A 137 -35.05 8.39 -65.02
N TRP A 138 -33.89 8.44 -65.69
CA TRP A 138 -33.58 7.40 -66.67
C TRP A 138 -32.63 6.32 -66.17
N ALA A 139 -32.00 6.54 -65.02
CA ALA A 139 -31.05 5.58 -64.47
C ALA A 139 -31.40 5.19 -63.03
N ARG A 140 -32.52 5.70 -62.55
CA ARG A 140 -33.03 5.42 -61.22
C ARG A 140 -32.02 5.58 -60.07
N ASN A 141 -31.16 6.57 -60.18
CA ASN A 141 -30.19 6.83 -59.12
C ASN A 141 -29.84 8.32 -59.05
N ILE A 142 -30.61 9.04 -58.24
CA ILE A 142 -30.48 10.48 -58.02
C ILE A 142 -30.31 11.40 -59.25
N LEU A 143 -31.40 11.66 -59.98
CA LEU A 143 -31.32 12.56 -61.14
C LEU A 143 -30.87 13.90 -60.52
N ARG A 144 -29.96 14.61 -61.19
CA ARG A 144 -29.40 15.83 -60.62
C ARG A 144 -28.83 16.76 -61.70
N THR A 145 -28.75 18.04 -61.42
CA THR A 145 -28.28 18.98 -62.43
C THR A 145 -27.15 19.93 -61.97
N GLN A 146 -26.99 21.05 -62.68
CA GLN A 146 -25.87 22.00 -62.43
C GLN A 146 -25.61 22.64 -61.06
N GLU A 147 -26.68 23.15 -60.44
CA GLU A 147 -26.60 23.86 -59.15
C GLU A 147 -26.02 25.28 -59.32
N SER A 148 -26.08 25.79 -60.55
CA SER A 148 -25.66 27.16 -60.92
C SER A 148 -26.42 27.43 -62.21
N GLU A 149 -26.39 28.66 -62.71
CA GLU A 149 -27.14 29.02 -63.90
C GLU A 149 -26.78 28.41 -65.25
N CYS A 150 -27.80 28.29 -66.10
CA CYS A 150 -27.66 27.81 -67.47
C CYS A 150 -27.38 29.08 -68.32
N VAL A 151 -27.25 28.94 -69.65
CA VAL A 151 -26.98 30.07 -70.55
C VAL A 151 -27.81 29.83 -71.83
N CYS A 152 -28.33 30.89 -72.46
CA CYS A 152 -29.14 30.78 -73.68
C CYS A 152 -28.62 31.58 -74.86
N HIS A 153 -28.81 31.06 -76.08
CA HIS A 153 -28.39 31.77 -77.28
C HIS A 153 -29.53 31.71 -78.29
N ASN A 154 -30.18 32.85 -78.48
CA ASN A 154 -31.28 32.98 -79.40
C ASN A 154 -32.41 31.98 -79.08
N GLY A 155 -32.85 31.97 -77.83
CA GLY A 155 -33.93 31.09 -77.42
C GLY A 155 -33.55 29.70 -76.96
N VAL A 156 -32.39 29.20 -77.41
CA VAL A 156 -31.92 27.87 -77.04
C VAL A 156 -31.08 27.85 -75.79
N CYS A 157 -31.54 27.10 -74.77
CA CYS A 157 -30.83 26.99 -73.49
C CYS A 157 -30.42 25.55 -73.20
N PRO A 158 -29.12 25.23 -73.32
CA PRO A 158 -28.65 23.86 -73.06
C PRO A 158 -28.54 23.70 -71.56
N VAL A 159 -28.75 22.48 -71.08
CA VAL A 159 -28.66 22.17 -69.65
C VAL A 159 -28.14 20.74 -69.56
N VAL A 160 -27.21 20.48 -68.63
CA VAL A 160 -26.69 19.13 -68.47
C VAL A 160 -27.13 18.38 -67.19
N PHE A 161 -27.62 17.16 -67.36
CA PHE A 161 -28.07 16.34 -66.24
C PHE A 161 -27.21 15.06 -66.14
N THR A 162 -27.27 14.41 -64.99
CA THR A 162 -26.55 13.16 -64.76
C THR A 162 -27.49 12.28 -63.92
N ASP A 163 -27.44 10.97 -64.11
CA ASP A 163 -28.27 10.04 -63.35
C ASP A 163 -27.40 8.79 -63.30
N GLY A 164 -27.13 8.27 -62.11
CA GLY A 164 -26.26 7.11 -61.99
C GLY A 164 -25.36 7.29 -60.78
N SER A 165 -24.43 6.36 -60.52
CA SER A 165 -23.57 6.49 -59.34
C SER A 165 -22.57 7.64 -59.39
N ALA A 166 -22.11 8.05 -58.21
CA ALA A 166 -21.13 9.10 -58.11
C ALA A 166 -19.79 8.38 -58.29
N THR A 167 -19.58 7.39 -57.44
CA THR A 167 -18.38 6.58 -57.45
C THR A 167 -18.40 5.56 -58.58
N GLY A 168 -18.45 6.03 -59.82
CA GLY A 168 -18.49 5.12 -60.94
C GLY A 168 -19.13 5.79 -62.13
N PRO A 169 -19.40 5.05 -63.21
CA PRO A 169 -20.02 5.60 -64.43
C PRO A 169 -21.55 5.81 -64.35
N ALA A 170 -21.98 6.92 -64.96
CA ALA A 170 -23.37 7.31 -64.96
C ALA A 170 -23.77 7.71 -66.38
N GLU A 171 -25.06 8.01 -66.58
CA GLU A 171 -25.55 8.45 -67.86
C GLU A 171 -25.81 9.96 -67.80
N THR A 172 -24.92 10.73 -68.42
CA THR A 172 -25.06 12.17 -68.45
C THR A 172 -25.71 12.54 -69.77
N ARG A 173 -26.61 13.51 -69.77
CA ARG A 173 -27.29 13.93 -71.00
C ARG A 173 -27.29 15.45 -71.09
N ILE A 174 -27.36 15.96 -72.32
CA ILE A 174 -27.41 17.38 -72.56
C ILE A 174 -28.70 17.63 -73.29
N TYR A 175 -29.61 18.37 -72.65
CA TYR A 175 -30.91 18.71 -73.22
C TYR A 175 -30.86 20.12 -73.79
N TYR A 176 -31.59 20.35 -74.88
CA TYR A 176 -31.63 21.65 -75.53
C TYR A 176 -33.07 22.15 -75.46
N PHE A 177 -33.32 23.10 -74.56
CA PHE A 177 -34.64 23.66 -74.40
C PHE A 177 -34.85 24.96 -75.20
N LYS A 178 -36.13 25.30 -75.43
CA LYS A 178 -36.55 26.54 -76.06
C LYS A 178 -38.01 26.74 -75.63
N GLU A 179 -38.24 27.79 -74.85
CA GLU A 179 -39.54 28.11 -74.29
C GLU A 179 -40.04 26.94 -73.40
N GLY A 180 -39.09 26.33 -72.70
CA GLY A 180 -39.37 25.23 -71.80
C GLY A 180 -39.69 23.92 -72.48
N LYS A 181 -39.61 23.92 -73.81
CA LYS A 181 -39.90 22.73 -74.59
C LYS A 181 -38.60 22.11 -75.14
N ILE A 182 -38.52 20.80 -75.09
CA ILE A 182 -37.34 20.08 -75.55
C ILE A 182 -37.21 20.03 -77.06
N LEU A 183 -36.08 20.53 -77.55
CA LEU A 183 -35.76 20.49 -78.97
C LEU A 183 -35.01 19.18 -79.22
N LYS A 184 -34.17 18.77 -78.28
CA LYS A 184 -33.42 17.52 -78.39
C LYS A 184 -32.52 17.27 -77.20
N TRP A 185 -31.93 16.10 -77.16
CA TRP A 185 -31.01 15.74 -76.10
C TRP A 185 -30.04 14.75 -76.68
N GLU A 186 -28.85 14.70 -76.11
CA GLU A 186 -27.84 13.80 -76.58
C GLU A 186 -26.97 13.36 -75.43
N PRO A 187 -26.50 12.11 -75.49
CA PRO A 187 -25.64 11.56 -74.44
C PRO A 187 -24.27 12.20 -74.54
N LEU A 188 -23.56 12.20 -73.42
CA LEU A 188 -22.23 12.81 -73.32
C LEU A 188 -21.30 12.23 -74.38
N ALA A 189 -20.55 13.10 -75.04
CA ALA A 189 -19.58 12.72 -76.07
C ALA A 189 -18.21 13.27 -75.66
N GLY A 190 -17.17 12.80 -76.30
CA GLY A 190 -15.85 13.29 -75.97
C GLY A 190 -15.13 12.35 -75.02
N THR A 191 -13.99 12.79 -74.51
CA THR A 191 -13.16 12.02 -73.60
C THR A 191 -13.49 12.05 -72.11
N ALA A 192 -14.45 12.87 -71.69
CA ALA A 192 -14.81 12.97 -70.27
C ALA A 192 -15.38 11.66 -69.68
N LYS A 193 -14.86 11.24 -68.54
CA LYS A 193 -15.28 9.99 -67.88
C LYS A 193 -16.56 10.10 -67.03
N HIS A 194 -16.65 11.18 -66.25
CA HIS A 194 -17.80 11.41 -65.37
C HIS A 194 -18.03 12.91 -65.40
N ILE A 195 -19.30 13.34 -65.31
CA ILE A 195 -19.65 14.76 -65.31
C ILE A 195 -20.69 15.07 -64.22
N GLU A 196 -20.34 16.00 -63.32
CA GLU A 196 -21.23 16.41 -62.24
C GLU A 196 -21.18 17.90 -62.10
N GLU A 197 -22.28 18.47 -61.61
CA GLU A 197 -22.41 19.90 -61.30
C GLU A 197 -21.69 20.90 -62.19
N CYS A 198 -22.11 21.06 -63.43
CA CYS A 198 -21.43 22.00 -64.34
C CYS A 198 -21.61 23.52 -64.08
N SER A 199 -20.52 24.28 -64.23
CA SER A 199 -20.55 25.74 -64.07
C SER A 199 -20.29 26.22 -65.50
N CYS A 200 -21.21 27.02 -66.02
CA CYS A 200 -21.18 27.49 -67.39
C CYS A 200 -21.25 28.98 -67.63
N TYR A 201 -20.69 29.42 -68.77
CA TYR A 201 -20.70 30.82 -69.21
C TYR A 201 -20.69 30.77 -70.73
N GLY A 202 -21.07 31.86 -71.39
CA GLY A 202 -21.10 31.89 -72.83
C GLY A 202 -20.45 33.13 -73.39
N GLU A 203 -19.94 33.03 -74.62
CA GLU A 203 -19.27 34.14 -75.30
C GLU A 203 -19.10 33.76 -76.79
N ARG A 204 -19.32 34.72 -77.68
CA ARG A 204 -19.23 34.49 -79.13
C ARG A 204 -19.92 33.21 -79.64
N ALA A 205 -21.23 33.13 -79.44
CA ALA A 205 -22.03 31.98 -79.90
C ALA A 205 -21.56 30.62 -79.41
N GLU A 206 -20.85 30.58 -78.29
CA GLU A 206 -20.37 29.32 -77.75
C GLU A 206 -20.48 29.29 -76.22
N ILE A 207 -20.81 28.12 -75.68
CA ILE A 207 -21.00 27.93 -74.26
C ILE A 207 -19.98 26.94 -73.72
N THR A 208 -19.34 27.29 -72.62
CA THR A 208 -18.29 26.47 -72.04
C THR A 208 -18.59 26.22 -70.59
N CYS A 209 -18.60 24.94 -70.20
CA CYS A 209 -18.87 24.51 -68.83
C CYS A 209 -17.71 23.74 -68.19
N THR A 210 -17.34 24.10 -66.96
CA THR A 210 -16.28 23.41 -66.20
C THR A 210 -17.07 22.60 -65.18
N CYS A 211 -16.79 21.30 -65.06
CA CYS A 211 -17.57 20.43 -64.18
C CYS A 211 -16.72 19.68 -63.14
N ARG A 212 -17.30 18.63 -62.55
CA ARG A 212 -16.66 17.84 -61.46
C ARG A 212 -16.63 16.33 -61.80
N ASP A 213 -15.46 15.73 -61.65
CA ASP A 213 -15.28 14.29 -61.97
C ASP A 213 -15.57 13.35 -60.83
N ASN A 214 -15.65 13.87 -59.60
CA ASN A 214 -15.90 13.06 -58.41
C ASN A 214 -15.14 11.73 -58.38
N TRP A 215 -15.71 10.75 -59.07
CA TRP A 215 -15.16 9.42 -59.21
C TRP A 215 -13.64 9.34 -59.22
N GLN A 216 -13.00 10.16 -60.06
CA GLN A 216 -11.55 10.10 -60.19
C GLN A 216 -10.77 11.41 -60.37
N GLY A 217 -11.13 12.18 -61.40
CA GLY A 217 -10.45 13.42 -61.72
C GLY A 217 -10.30 14.52 -60.69
N SER A 218 -9.04 14.83 -60.41
CA SER A 218 -8.68 15.90 -59.49
C SER A 218 -8.42 17.16 -60.35
N ASN A 219 -8.31 16.93 -61.67
CA ASN A 219 -8.17 17.98 -62.67
C ASN A 219 -9.61 17.94 -63.23
N ARG A 220 -10.14 19.08 -63.69
CA ARG A 220 -11.53 19.11 -64.13
C ARG A 220 -11.93 18.82 -65.56
N PRO A 221 -13.12 18.20 -65.75
CA PRO A 221 -13.63 17.89 -67.08
C PRO A 221 -14.31 19.19 -67.60
N VAL A 222 -14.16 19.47 -68.89
CA VAL A 222 -14.68 20.66 -69.55
C VAL A 222 -15.57 20.26 -70.74
N ILE A 223 -16.73 20.91 -70.89
CA ILE A 223 -17.64 20.63 -72.00
C ILE A 223 -17.84 21.89 -72.86
N ARG A 224 -17.83 21.75 -74.18
CA ARG A 224 -18.05 22.89 -75.05
C ARG A 224 -19.28 22.60 -75.94
N ILE A 225 -20.31 23.43 -75.81
CA ILE A 225 -21.58 23.28 -76.51
C ILE A 225 -21.82 24.37 -77.57
N ASP A 226 -22.27 23.98 -78.75
CA ASP A 226 -22.59 24.91 -79.83
C ASP A 226 -24.11 25.00 -79.84
N PRO A 227 -24.69 26.08 -79.28
CA PRO A 227 -26.13 26.26 -79.22
C PRO A 227 -26.86 26.41 -80.55
N VAL A 228 -26.13 26.69 -81.63
CA VAL A 228 -26.76 26.87 -82.93
C VAL A 228 -26.89 25.56 -83.66
N ALA A 229 -25.84 24.76 -83.63
CA ALA A 229 -25.88 23.47 -84.27
C ALA A 229 -26.43 22.39 -83.35
N MET A 230 -26.41 22.67 -82.05
CA MET A 230 -26.89 21.76 -81.01
C MET A 230 -26.00 20.52 -80.81
N THR A 231 -24.69 20.76 -80.80
CA THR A 231 -23.69 19.71 -80.62
C THR A 231 -22.68 20.14 -79.55
N HIS A 232 -21.87 19.20 -79.08
CA HIS A 232 -20.88 19.45 -78.04
C HIS A 232 -19.74 18.42 -78.08
N THR A 233 -18.76 18.65 -77.22
CA THR A 233 -17.62 17.78 -77.08
C THR A 233 -17.15 17.98 -75.64
N SER A 234 -16.18 17.16 -75.23
CA SER A 234 -15.63 17.25 -73.88
C SER A 234 -14.17 16.83 -73.85
N GLN A 235 -13.45 17.28 -72.84
CA GLN A 235 -12.03 16.96 -72.66
C GLN A 235 -11.72 17.34 -71.23
N TYR A 236 -10.43 17.29 -70.86
CA TYR A 236 -9.99 17.66 -69.51
C TYR A 236 -9.06 18.85 -69.59
N ILE A 237 -8.80 19.50 -68.47
CA ILE A 237 -7.88 20.62 -68.47
C ILE A 237 -6.47 20.04 -68.29
N CYS A 238 -5.56 20.43 -69.18
CA CYS A 238 -4.20 19.96 -69.16
C CYS A 238 -3.30 20.43 -68.01
N SER A 239 -3.44 21.68 -67.59
CA SER A 239 -2.60 22.24 -66.53
C SER A 239 -2.39 21.37 -65.32
N PRO A 240 -1.15 21.38 -64.75
CA PRO A 240 -0.81 20.59 -63.55
C PRO A 240 -1.27 21.26 -62.25
N VAL A 241 -1.86 22.46 -62.37
CA VAL A 241 -2.41 23.21 -61.24
C VAL A 241 -3.79 22.59 -60.98
N LEU A 242 -3.85 21.58 -60.11
CA LEU A 242 -5.12 20.90 -59.86
C LEU A 242 -6.14 21.81 -59.16
N THR A 243 -7.43 21.62 -59.43
CA THR A 243 -8.45 22.47 -58.84
C THR A 243 -9.70 21.80 -58.27
N ASP A 244 -9.61 20.54 -57.86
CA ASP A 244 -10.76 19.88 -57.27
C ASP A 244 -10.44 19.81 -55.80
N ASN A 245 -11.23 19.09 -55.00
CA ASN A 245 -10.97 18.99 -53.56
C ASN A 245 -11.81 17.87 -52.95
N PRO A 246 -11.17 16.90 -52.28
CA PRO A 246 -9.74 16.70 -52.02
C PRO A 246 -8.96 16.48 -53.31
N ARG A 247 -7.65 16.62 -53.23
CA ARG A 247 -6.82 16.45 -54.42
C ARG A 247 -5.36 16.25 -54.01
N PRO A 248 -4.55 15.65 -54.90
CA PRO A 248 -3.14 15.46 -54.52
C PRO A 248 -2.37 16.78 -54.70
N ASN A 249 -1.13 16.85 -54.24
CA ASN A 249 -0.36 18.05 -54.42
C ASN A 249 -0.04 18.25 -55.91
N ASP A 250 0.16 19.50 -56.31
CA ASP A 250 0.45 19.83 -57.69
C ASP A 250 1.65 19.14 -58.29
N PRO A 251 1.44 18.42 -59.40
CA PRO A 251 2.48 17.70 -60.14
C PRO A 251 3.20 18.71 -61.06
N THR A 252 4.22 18.29 -61.78
CA THR A 252 4.94 19.20 -62.67
C THR A 252 4.39 19.16 -64.09
N VAL A 253 3.73 18.04 -64.44
CA VAL A 253 3.13 17.85 -65.75
C VAL A 253 1.74 17.21 -65.53
N GLY A 254 0.71 17.72 -66.21
CA GLY A 254 -0.65 17.21 -66.06
C GLY A 254 -1.14 16.21 -67.10
N LYS A 255 -2.45 16.02 -67.20
CA LYS A 255 -3.03 15.09 -68.16
C LYS A 255 -4.21 15.74 -68.83
N CYS A 256 -4.24 15.68 -70.17
CA CYS A 256 -5.28 16.29 -70.98
C CYS A 256 -6.57 15.55 -71.27
N ASN A 257 -6.50 14.22 -71.36
CA ASN A 257 -7.72 13.47 -71.64
C ASN A 257 -7.92 12.27 -70.74
N ASP A 258 -7.39 12.40 -69.53
CA ASP A 258 -7.50 11.41 -68.49
C ASP A 258 -7.57 12.21 -67.22
N PRO A 259 -8.34 11.72 -66.22
CA PRO A 259 -8.46 12.41 -64.93
C PRO A 259 -7.15 12.31 -64.11
N TYR A 260 -7.04 13.07 -63.04
CA TYR A 260 -5.82 12.99 -62.25
C TYR A 260 -5.91 12.09 -61.02
N PRO A 261 -4.99 11.11 -60.94
CA PRO A 261 -4.85 10.12 -59.86
C PRO A 261 -4.62 10.75 -58.47
N GLY A 262 -4.27 9.89 -57.51
CA GLY A 262 -4.01 10.37 -56.15
C GLY A 262 -5.27 10.27 -55.31
N ASN A 263 -6.30 11.06 -55.66
CA ASN A 263 -7.57 11.05 -54.94
C ASN A 263 -8.74 10.73 -55.88
N ASN A 264 -9.70 10.00 -55.35
CA ASN A 264 -10.88 9.59 -56.12
C ASN A 264 -12.15 9.35 -55.30
N ASN A 265 -13.28 9.54 -55.98
CA ASN A 265 -14.63 9.34 -55.44
C ASN A 265 -15.20 10.37 -54.46
N ASN A 266 -14.88 11.64 -54.69
CA ASN A 266 -15.38 12.76 -53.88
C ASN A 266 -14.89 14.03 -54.53
N GLY A 267 -15.52 15.16 -54.22
CA GLY A 267 -15.09 16.40 -54.82
C GLY A 267 -15.90 17.58 -54.39
N VAL A 268 -15.84 18.65 -55.16
CA VAL A 268 -16.58 19.87 -54.86
C VAL A 268 -16.81 20.57 -56.21
N LYS A 269 -17.90 21.35 -56.32
CA LYS A 269 -18.26 22.10 -57.53
C LYS A 269 -17.38 23.32 -57.70
N GLY A 270 -16.95 23.59 -58.94
CA GLY A 270 -16.09 24.75 -59.19
C GLY A 270 -16.26 25.34 -60.58
N PHE A 271 -15.34 26.20 -60.99
CA PHE A 271 -15.43 26.85 -62.31
C PHE A 271 -14.04 27.35 -62.82
N SER A 272 -14.02 27.93 -64.02
CA SER A 272 -12.81 28.52 -64.62
C SER A 272 -13.26 29.35 -65.81
N TYR A 273 -12.40 30.23 -66.29
CA TYR A 273 -12.67 31.05 -67.47
C TYR A 273 -11.49 30.75 -68.42
N LEU A 274 -11.76 29.96 -69.44
CA LEU A 274 -10.74 29.51 -70.38
C LEU A 274 -10.77 30.38 -71.61
N ASP A 275 -9.78 31.28 -71.74
CA ASP A 275 -9.73 32.23 -72.84
C ASP A 275 -8.33 32.55 -73.36
N GLY A 276 -7.51 31.50 -73.53
CA GLY A 276 -6.15 31.69 -74.00
C GLY A 276 -5.27 32.11 -72.86
N VAL A 277 -4.54 33.22 -73.02
CA VAL A 277 -3.68 33.70 -71.94
C VAL A 277 -4.55 34.37 -70.86
N ASN A 278 -5.77 34.74 -71.25
CA ASN A 278 -6.74 35.37 -70.35
C ASN A 278 -7.51 34.24 -69.63
N THR A 279 -6.76 33.30 -69.04
CA THR A 279 -7.35 32.16 -68.35
C THR A 279 -7.14 32.23 -66.82
N TRP A 280 -8.23 32.03 -66.06
CA TRP A 280 -8.21 32.07 -64.60
C TRP A 280 -8.95 30.86 -64.01
N LEU A 281 -8.28 30.15 -63.10
CA LEU A 281 -8.84 28.97 -62.43
C LEU A 281 -9.02 29.33 -60.96
N GLY A 282 -10.02 28.74 -60.31
CA GLY A 282 -10.23 29.01 -58.91
C GLY A 282 -10.15 27.70 -58.17
N ARG A 283 -9.69 27.73 -56.93
CA ARG A 283 -9.57 26.51 -56.14
C ARG A 283 -9.46 26.79 -54.64
N THR A 284 -9.72 25.77 -53.82
CA THR A 284 -9.58 25.92 -52.38
C THR A 284 -8.07 25.88 -52.04
N ILE A 285 -7.70 26.45 -50.92
CA ILE A 285 -6.31 26.48 -50.49
C ILE A 285 -5.85 25.15 -49.88
N SER A 286 -6.77 24.43 -49.25
CA SER A 286 -6.40 23.15 -48.64
C SER A 286 -6.65 22.03 -49.62
N ILE A 287 -5.81 20.98 -49.54
CA ILE A 287 -5.97 19.82 -50.39
C ILE A 287 -6.81 18.78 -49.69
N ALA A 288 -7.05 18.98 -48.40
CA ALA A 288 -7.83 18.04 -47.61
C ALA A 288 -9.28 18.46 -47.41
N SER A 289 -9.51 19.72 -47.04
CA SER A 289 -10.87 20.21 -46.78
C SER A 289 -11.26 21.49 -47.56
N ARG A 290 -12.52 21.91 -47.43
CA ARG A 290 -13.00 23.11 -48.12
C ARG A 290 -12.74 24.38 -47.32
N SER A 291 -11.45 24.74 -47.22
CA SER A 291 -10.95 25.93 -46.52
C SER A 291 -10.23 26.81 -47.55
N GLY A 292 -10.37 28.13 -47.43
CA GLY A 292 -9.71 29.03 -48.34
C GLY A 292 -10.24 29.04 -49.76
N TYR A 293 -9.86 30.08 -50.50
CA TYR A 293 -10.26 30.17 -51.89
C TYR A 293 -9.37 31.18 -52.59
N GLU A 294 -8.84 30.79 -53.74
CA GLU A 294 -7.94 31.67 -54.47
C GLU A 294 -8.14 31.55 -55.95
N MET A 295 -7.85 32.64 -56.66
CA MET A 295 -7.95 32.71 -58.12
C MET A 295 -6.51 32.74 -58.60
N LEU A 296 -6.24 32.06 -59.72
CA LEU A 296 -4.89 32.01 -60.28
C LEU A 296 -4.92 32.15 -61.80
N LYS A 297 -4.08 33.04 -62.33
CA LYS A 297 -3.98 33.23 -63.76
C LYS A 297 -2.96 32.22 -64.30
N VAL A 298 -3.47 31.23 -65.02
CA VAL A 298 -2.64 30.17 -65.60
C VAL A 298 -2.93 30.16 -67.08
N PRO A 299 -2.17 30.93 -67.86
CA PRO A 299 -2.29 31.06 -69.32
C PRO A 299 -2.36 29.72 -70.05
N ASN A 300 -3.35 29.58 -70.92
CA ASN A 300 -3.56 28.37 -71.72
C ASN A 300 -3.72 27.11 -70.93
N ALA A 301 -4.30 27.19 -69.74
CA ALA A 301 -4.51 26.03 -68.87
C ALA A 301 -5.17 24.84 -69.54
N LEU A 302 -6.03 25.11 -70.51
CA LEU A 302 -6.76 24.05 -71.20
C LEU A 302 -5.89 23.15 -72.07
N THR A 303 -5.11 23.78 -72.94
CA THR A 303 -4.22 23.12 -73.91
C THR A 303 -2.75 22.88 -73.54
N ASP A 304 -2.25 23.54 -72.49
CA ASP A 304 -0.85 23.42 -72.06
C ASP A 304 -0.66 22.60 -70.79
N ASP A 305 -0.02 21.44 -70.92
CA ASP A 305 0.19 20.54 -69.81
C ASP A 305 1.38 20.79 -68.89
N LYS A 306 1.92 22.00 -68.92
CA LYS A 306 3.04 22.36 -68.05
C LYS A 306 2.84 23.81 -67.57
N SER A 307 1.62 24.33 -67.76
CA SER A 307 1.30 25.70 -67.36
C SER A 307 1.26 25.87 -65.83
N LYS A 308 1.79 27.00 -65.37
CA LYS A 308 1.85 27.35 -63.96
C LYS A 308 1.39 28.81 -63.80
N PRO A 309 1.03 29.23 -62.57
CA PRO A 309 0.57 30.57 -62.21
C PRO A 309 1.49 31.69 -62.62
N THR A 310 0.85 32.76 -63.06
CA THR A 310 1.49 33.97 -63.55
C THR A 310 1.07 35.19 -62.73
N GLN A 311 -0.01 35.06 -61.97
CA GLN A 311 -0.53 36.15 -61.14
C GLN A 311 -1.60 35.50 -60.32
N GLY A 312 -1.99 36.14 -59.21
CA GLY A 312 -3.01 35.56 -58.35
C GLY A 312 -3.76 36.57 -57.48
N GLN A 313 -4.76 36.06 -56.76
CA GLN A 313 -5.59 36.86 -55.85
C GLN A 313 -6.27 35.89 -54.87
N THR A 314 -6.12 36.17 -53.58
CA THR A 314 -6.70 35.36 -52.51
C THR A 314 -8.03 35.96 -52.14
N ILE A 315 -9.04 35.10 -52.05
CA ILE A 315 -10.40 35.52 -51.75
C ILE A 315 -10.77 35.27 -50.27
N VAL A 316 -10.47 34.07 -49.77
CA VAL A 316 -10.78 33.66 -48.40
C VAL A 316 -9.49 32.97 -47.89
N LEU A 317 -9.02 33.34 -46.69
CA LEU A 317 -7.81 32.77 -46.13
C LEU A 317 -8.00 31.30 -45.80
N ASN A 318 -6.88 30.59 -45.63
CA ASN A 318 -6.90 29.17 -45.34
C ASN A 318 -7.60 28.79 -44.06
N THR A 319 -7.70 29.73 -43.13
CA THR A 319 -8.35 29.46 -41.85
C THR A 319 -9.88 29.50 -41.97
N ASP A 320 -10.39 30.15 -43.00
CA ASP A 320 -11.83 30.28 -43.20
C ASP A 320 -12.48 29.26 -44.13
N TRP A 321 -13.62 28.75 -43.71
CA TRP A 321 -14.38 27.75 -44.45
C TRP A 321 -15.00 28.32 -45.71
N SER A 322 -14.99 27.56 -46.81
CA SER A 322 -15.60 27.94 -48.09
C SER A 322 -16.49 26.75 -48.55
N GLY A 323 -16.63 26.50 -49.86
CA GLY A 323 -17.46 25.40 -50.33
C GLY A 323 -17.56 25.42 -51.85
N TYR A 324 -18.77 25.28 -52.37
CA TYR A 324 -19.03 25.31 -53.82
C TYR A 324 -18.73 26.70 -54.39
N SER A 325 -18.47 26.78 -55.70
CA SER A 325 -18.22 28.05 -56.36
C SER A 325 -18.65 27.86 -57.79
N GLY A 326 -19.07 28.94 -58.47
CA GLY A 326 -19.54 28.79 -59.84
C GLY A 326 -19.48 30.10 -60.62
N SER A 327 -19.97 30.08 -61.85
CA SER A 327 -19.92 31.27 -62.68
C SER A 327 -21.25 31.85 -63.15
N PHE A 328 -21.22 33.14 -63.48
CA PHE A 328 -22.36 33.87 -64.03
C PHE A 328 -21.80 35.14 -64.70
N MET A 329 -22.61 35.81 -65.50
CA MET A 329 -22.22 37.08 -66.12
C MET A 329 -23.55 37.78 -66.39
N ASP A 330 -23.51 39.11 -66.44
CA ASP A 330 -24.69 39.93 -66.70
C ASP A 330 -24.66 40.19 -68.18
N TYR A 331 -25.24 39.28 -68.96
CA TYR A 331 -25.27 39.41 -70.40
C TYR A 331 -26.01 40.64 -70.93
N TRP A 332 -26.62 41.44 -70.07
CA TRP A 332 -27.37 42.62 -70.55
C TRP A 332 -26.75 43.97 -70.16
N ALA A 333 -25.52 43.94 -69.67
CA ALA A 333 -24.82 45.14 -69.27
C ALA A 333 -24.34 45.91 -70.51
N GLU A 334 -24.10 47.21 -70.36
CA GLU A 334 -23.63 48.05 -71.47
C GLU A 334 -22.13 47.81 -71.62
N GLY A 335 -21.62 47.86 -72.84
CA GLY A 335 -20.20 47.66 -72.99
C GLY A 335 -19.81 46.91 -74.24
N GLU A 336 -18.51 46.84 -74.47
CA GLU A 336 -18.00 46.19 -75.65
C GLU A 336 -17.66 44.72 -75.44
N CYS A 337 -17.63 44.28 -74.18
CA CYS A 337 -17.29 42.90 -73.88
C CYS A 337 -18.04 42.41 -72.63
N TYR A 338 -17.98 41.11 -72.36
CA TYR A 338 -18.61 40.54 -71.17
C TYR A 338 -17.61 40.49 -70.01
N ARG A 339 -18.07 40.91 -68.84
CA ARG A 339 -17.25 40.95 -67.63
C ARG A 339 -17.49 39.61 -66.90
N ALA A 340 -16.41 38.90 -66.60
CA ALA A 340 -16.51 37.62 -65.92
C ALA A 340 -16.85 37.87 -64.49
N CYS A 341 -17.63 36.97 -63.88
CA CYS A 341 -18.02 37.05 -62.45
C CYS A 341 -18.12 35.64 -61.88
N PHE A 342 -18.14 35.52 -60.55
CA PHE A 342 -18.31 34.22 -59.88
C PHE A 342 -18.72 34.45 -58.43
N TYR A 343 -19.11 33.36 -57.73
CA TYR A 343 -19.50 33.39 -56.31
C TYR A 343 -18.83 32.20 -55.58
N VAL A 344 -18.79 32.28 -54.24
CA VAL A 344 -18.21 31.22 -53.41
C VAL A 344 -19.17 31.08 -52.23
N GLU A 345 -19.50 29.83 -51.89
CA GLU A 345 -20.40 29.50 -50.79
C GLU A 345 -19.55 29.36 -49.53
N LEU A 346 -19.89 30.08 -48.46
CA LEU A 346 -19.16 29.98 -47.20
C LEU A 346 -19.98 29.20 -46.20
N ILE A 347 -19.70 27.90 -46.10
CA ILE A 347 -20.39 26.97 -45.22
C ILE A 347 -20.01 27.11 -43.76
N ARG A 348 -21.01 27.09 -42.88
CA ARG A 348 -20.75 27.16 -41.44
C ARG A 348 -21.56 26.04 -40.78
N GLY A 349 -21.07 25.50 -39.67
CA GLY A 349 -21.78 24.44 -38.99
C GLY A 349 -21.20 23.06 -39.23
N ARG A 350 -22.04 22.04 -39.12
CA ARG A 350 -21.58 20.67 -39.35
C ARG A 350 -21.20 20.51 -40.81
N PRO A 351 -20.22 19.63 -41.11
CA PRO A 351 -19.45 18.77 -40.19
C PRO A 351 -18.22 19.33 -39.49
N LYS A 352 -17.62 20.37 -40.05
CA LYS A 352 -16.42 20.96 -39.48
C LYS A 352 -16.54 21.64 -38.12
N GLU A 353 -17.69 22.27 -37.86
CA GLU A 353 -17.96 22.96 -36.59
C GLU A 353 -19.12 22.20 -35.94
N ASP A 354 -18.81 21.18 -35.14
CA ASP A 354 -19.86 20.35 -34.55
C ASP A 354 -20.47 20.76 -33.21
N LYS A 355 -20.17 21.98 -32.77
CA LYS A 355 -20.75 22.47 -31.53
C LYS A 355 -22.20 22.86 -31.82
N VAL A 356 -22.53 23.06 -33.09
CA VAL A 356 -23.90 23.34 -33.47
C VAL A 356 -24.46 22.11 -34.17
N TRP A 357 -25.78 22.06 -34.33
CA TRP A 357 -26.43 20.94 -34.99
C TRP A 357 -26.94 21.22 -36.40
N TRP A 358 -26.69 22.42 -36.92
CA TRP A 358 -27.14 22.78 -38.25
C TRP A 358 -26.01 22.96 -39.23
N THR A 359 -26.37 23.24 -40.49
CA THR A 359 -25.45 23.50 -41.59
C THR A 359 -26.07 24.58 -42.47
N SER A 360 -25.35 25.66 -42.75
CA SER A 360 -25.85 26.73 -43.58
C SER A 360 -24.68 27.39 -44.30
N ASN A 361 -24.87 28.58 -44.86
CA ASN A 361 -23.78 29.24 -45.58
C ASN A 361 -24.12 30.69 -45.89
N SER A 362 -23.13 31.48 -46.32
CA SER A 362 -23.37 32.85 -46.80
C SER A 362 -22.76 32.92 -48.19
N ILE A 363 -22.75 34.09 -48.82
CA ILE A 363 -22.24 34.19 -50.18
C ILE A 363 -21.34 35.40 -50.34
N VAL A 364 -20.26 35.23 -51.10
CA VAL A 364 -19.37 36.32 -51.48
C VAL A 364 -19.30 36.21 -53.01
N SER A 365 -19.39 37.34 -53.70
CA SER A 365 -19.41 37.37 -55.15
C SER A 365 -18.47 38.46 -55.68
N MET A 366 -17.79 38.22 -56.79
CA MET A 366 -16.83 39.18 -57.35
C MET A 366 -16.91 39.12 -58.85
N CYS A 367 -16.49 40.20 -59.52
CA CYS A 367 -16.44 40.29 -60.98
C CYS A 367 -15.08 40.84 -61.39
N SER A 368 -14.72 40.71 -62.66
CA SER A 368 -13.41 41.17 -63.12
C SER A 368 -13.23 42.65 -63.42
N SER A 369 -11.98 43.09 -63.31
CA SER A 369 -11.63 44.47 -63.57
C SER A 369 -10.44 44.46 -64.56
N THR A 370 -10.30 45.51 -65.37
CA THR A 370 -9.18 45.61 -66.32
C THR A 370 -8.03 46.28 -65.60
N GLU A 371 -8.32 46.77 -64.39
CA GLU A 371 -7.34 47.42 -63.54
C GLU A 371 -6.62 46.37 -62.70
N PHE A 372 -5.61 46.78 -61.94
CA PHE A 372 -4.91 45.88 -61.05
C PHE A 372 -5.22 46.42 -59.66
N LEU A 373 -6.30 45.90 -59.07
CA LEU A 373 -6.76 46.35 -57.77
C LEU A 373 -6.15 45.58 -56.61
N GLY A 374 -6.04 46.23 -55.45
CA GLY A 374 -5.47 45.57 -54.29
C GLY A 374 -6.49 44.61 -53.72
N GLN A 375 -6.03 43.55 -53.08
CA GLN A 375 -6.90 42.54 -52.51
C GLN A 375 -7.23 42.60 -51.01
N TRP A 376 -8.31 41.91 -50.64
CA TRP A 376 -8.76 41.78 -49.24
C TRP A 376 -9.30 40.34 -49.17
N ASP A 377 -9.54 39.81 -47.98
CA ASP A 377 -10.08 38.48 -47.83
C ASP A 377 -11.54 38.62 -47.34
N TRP A 378 -12.45 37.77 -47.81
CA TRP A 378 -13.88 37.88 -47.47
C TRP A 378 -14.47 36.68 -46.77
N PRO A 379 -14.34 36.61 -45.45
CA PRO A 379 -14.90 35.45 -44.74
C PRO A 379 -16.37 35.61 -44.40
N ASP A 380 -16.94 34.56 -43.83
CA ASP A 380 -18.33 34.58 -43.41
C ASP A 380 -18.63 35.67 -42.36
N GLY A 381 -17.81 35.74 -41.30
CA GLY A 381 -18.03 36.76 -40.28
C GLY A 381 -18.79 36.40 -39.00
N ALA A 382 -19.38 35.21 -38.93
CA ALA A 382 -20.15 34.83 -37.74
C ALA A 382 -19.29 34.15 -36.68
N LYS A 383 -19.61 34.38 -35.40
CA LYS A 383 -18.90 33.77 -34.29
C LYS A 383 -19.79 32.62 -33.84
N ILE A 384 -19.36 31.41 -34.10
CA ILE A 384 -20.12 30.23 -33.76
C ILE A 384 -20.52 30.12 -32.28
N GLU A 385 -19.67 30.61 -31.39
CA GLU A 385 -19.96 30.54 -29.96
C GLU A 385 -21.26 31.25 -29.58
N TYR A 386 -21.65 32.25 -30.35
CA TYR A 386 -22.88 32.99 -30.11
C TYR A 386 -24.15 32.15 -30.31
N PHE A 387 -24.02 31.03 -31.01
CA PHE A 387 -25.16 30.15 -31.29
C PHE A 387 -25.37 29.07 -30.24
N LEU A 388 -24.43 28.95 -29.30
CA LEU A 388 -24.52 27.98 -28.22
C LEU A 388 -25.40 28.53 -27.08
N GLN B 1 13.74 27.80 -29.82
CA GLN B 1 13.92 26.62 -30.73
C GLN B 1 12.70 25.72 -30.60
N VAL B 2 12.29 25.13 -31.72
CA VAL B 2 11.13 24.26 -31.73
C VAL B 2 11.35 23.05 -30.83
N GLN B 3 10.38 22.75 -30.00
CA GLN B 3 10.50 21.61 -29.11
C GLN B 3 9.11 21.03 -28.84
N LEU B 4 8.97 19.72 -29.01
CA LEU B 4 7.69 19.06 -28.79
C LEU B 4 7.92 18.02 -27.74
N GLN B 5 7.36 18.20 -26.54
CA GLN B 5 7.53 17.23 -25.45
C GLN B 5 6.24 16.44 -25.13
N GLN B 6 6.34 15.11 -25.16
CA GLN B 6 5.19 14.22 -24.94
C GLN B 6 5.04 13.61 -23.54
N SER B 7 3.86 13.09 -23.22
CA SER B 7 3.61 12.49 -21.91
C SER B 7 4.37 11.18 -21.70
N GLY B 8 4.26 10.62 -20.50
CA GLY B 8 4.95 9.37 -20.18
C GLY B 8 4.26 8.10 -20.63
N ALA B 9 4.97 6.99 -20.47
CA ALA B 9 4.49 5.67 -20.84
C ALA B 9 3.22 5.27 -20.12
N GLU B 10 2.35 4.57 -20.82
CA GLU B 10 1.08 4.14 -20.27
C GLU B 10 1.04 2.62 -20.19
N LEU B 11 0.67 2.10 -19.04
CA LEU B 11 0.54 0.65 -18.87
C LEU B 11 -0.95 0.53 -18.67
N VAL B 12 -1.62 -0.12 -19.61
CA VAL B 12 -3.07 -0.23 -19.54
C VAL B 12 -3.62 -1.62 -19.78
N LYS B 13 -4.84 -1.83 -19.29
CA LYS B 13 -5.52 -3.10 -19.45
C LYS B 13 -6.47 -3.03 -20.66
N PRO B 14 -6.74 -4.17 -21.30
CA PRO B 14 -7.62 -4.22 -22.47
C PRO B 14 -8.97 -3.59 -22.18
N GLY B 15 -9.45 -2.81 -23.13
CA GLY B 15 -10.75 -2.18 -22.98
C GLY B 15 -10.68 -0.77 -22.42
N ALA B 16 -9.48 -0.34 -22.04
CA ALA B 16 -9.35 1.01 -21.52
C ALA B 16 -9.13 2.00 -22.65
N SER B 17 -9.10 3.28 -22.30
CA SER B 17 -8.88 4.36 -23.23
C SER B 17 -7.76 5.17 -22.60
N VAL B 18 -6.97 5.86 -23.41
CA VAL B 18 -5.86 6.62 -22.88
C VAL B 18 -5.82 7.96 -23.61
N ARG B 19 -5.20 8.96 -23.01
CA ARG B 19 -5.10 10.27 -23.63
C ARG B 19 -3.72 10.81 -23.39
N MET B 20 -2.97 11.01 -24.47
CA MET B 20 -1.61 11.50 -24.37
C MET B 20 -1.49 12.92 -24.92
N SER B 21 -0.44 13.62 -24.51
CA SER B 21 -0.20 14.99 -24.94
C SER B 21 1.14 15.26 -25.64
N CYS B 22 1.21 16.40 -26.31
CA CYS B 22 2.38 16.83 -27.04
C CYS B 22 2.43 18.35 -26.82
N LYS B 23 3.32 18.80 -25.94
CA LYS B 23 3.43 20.22 -25.59
C LYS B 23 4.40 20.89 -26.54
N ALA B 24 3.89 21.88 -27.27
CA ALA B 24 4.66 22.61 -28.25
C ALA B 24 5.34 23.83 -27.67
N SER B 25 6.44 24.24 -28.31
CA SER B 25 7.21 25.39 -27.89
C SER B 25 8.20 25.85 -28.97
N GLY B 26 8.49 27.15 -28.95
CA GLY B 26 9.44 27.73 -29.88
C GLY B 26 8.89 28.14 -31.22
N TYR B 27 7.57 28.10 -31.37
CA TYR B 27 6.94 28.47 -32.62
C TYR B 27 5.47 28.80 -32.38
N THR B 28 4.83 29.42 -33.37
CA THR B 28 3.41 29.80 -33.31
C THR B 28 2.52 28.62 -33.61
N PHE B 29 2.10 27.95 -32.55
CA PHE B 29 1.25 26.76 -32.56
C PHE B 29 0.10 26.78 -33.58
N THR B 30 -0.60 27.91 -33.68
CA THR B 30 -1.73 28.02 -34.59
C THR B 30 -1.41 28.07 -36.07
N ASN B 31 -0.14 28.11 -36.44
CA ASN B 31 0.19 28.16 -37.86
C ASN B 31 0.66 26.84 -38.50
N TYR B 32 0.73 25.77 -37.71
CA TYR B 32 1.21 24.50 -38.24
C TYR B 32 0.31 23.29 -38.03
N ASN B 33 0.25 22.42 -39.04
CA ASN B 33 -0.50 21.18 -38.93
C ASN B 33 0.27 20.33 -37.89
N MET B 34 -0.43 19.55 -37.09
CA MET B 34 0.22 18.69 -36.11
C MET B 34 -0.16 17.30 -36.56
N TYR B 35 0.82 16.45 -36.87
CA TYR B 35 0.54 15.10 -37.32
C TYR B 35 0.80 14.09 -36.23
N TRP B 36 0.19 12.92 -36.33
CA TRP B 36 0.41 11.85 -35.36
C TRP B 36 0.78 10.58 -36.14
N VAL B 37 1.75 9.83 -35.60
CA VAL B 37 2.26 8.62 -36.23
C VAL B 37 2.34 7.45 -35.23
N LYS B 38 2.21 6.23 -35.75
CA LYS B 38 2.30 5.04 -34.92
C LYS B 38 3.43 4.11 -35.42
N GLN B 39 4.22 3.59 -34.48
CA GLN B 39 5.32 2.69 -34.81
C GLN B 39 5.21 1.43 -33.96
N SER B 40 5.14 0.29 -34.65
CA SER B 40 4.98 -1.00 -33.97
C SER B 40 5.78 -2.13 -34.62
N PRO B 41 5.89 -3.26 -33.91
CA PRO B 41 6.63 -4.41 -34.44
C PRO B 41 5.77 -5.02 -35.55
N GLY B 42 6.39 -5.38 -36.65
CA GLY B 42 5.64 -5.97 -37.74
C GLY B 42 4.44 -5.14 -38.18
N GLN B 43 4.72 -3.93 -38.65
CA GLN B 43 3.71 -2.99 -39.11
C GLN B 43 4.40 -1.71 -39.53
N GLY B 44 5.41 -1.31 -38.74
CA GLY B 44 6.19 -0.13 -39.07
C GLY B 44 5.55 1.20 -38.72
N LEU B 45 5.90 2.22 -39.50
CA LEU B 45 5.41 3.59 -39.30
C LEU B 45 4.09 3.85 -40.07
N GLU B 46 3.08 4.32 -39.35
CA GLU B 46 1.78 4.62 -39.96
C GLU B 46 1.29 5.99 -39.54
N TRP B 47 0.79 6.75 -40.51
CA TRP B 47 0.26 8.08 -40.24
C TRP B 47 -1.16 7.88 -39.66
N ILE B 48 -1.48 8.59 -38.58
CA ILE B 48 -2.80 8.46 -37.97
C ILE B 48 -3.80 9.51 -38.45
N GLY B 49 -3.44 10.78 -38.32
CA GLY B 49 -4.32 11.83 -38.76
C GLY B 49 -3.68 13.19 -38.63
N ILE B 50 -4.49 14.25 -38.74
CA ILE B 50 -3.98 15.61 -38.64
C ILE B 50 -4.99 16.54 -37.93
N PHE B 51 -4.46 17.48 -37.17
CA PHE B 51 -5.24 18.47 -36.44
C PHE B 51 -4.52 19.81 -36.66
N TYR B 52 -5.25 20.83 -37.13
CA TYR B 52 -4.70 22.16 -37.37
C TYR B 52 -5.35 23.11 -36.35
N PRO B 53 -4.62 23.48 -35.28
CA PRO B 53 -5.14 24.38 -34.22
C PRO B 53 -5.59 25.75 -34.69
N GLY B 54 -5.24 26.09 -35.93
CA GLY B 54 -5.64 27.38 -36.46
C GLY B 54 -7.16 27.48 -36.55
N ASN B 55 -7.83 26.45 -37.07
CA ASN B 55 -9.30 26.47 -37.18
C ASN B 55 -9.98 25.21 -36.67
N GLY B 56 -9.18 24.23 -36.26
CA GLY B 56 -9.72 22.99 -35.71
C GLY B 56 -9.99 21.88 -36.70
N ASP B 57 -9.48 22.03 -37.90
CA ASP B 57 -9.68 21.03 -38.92
C ASP B 57 -8.97 19.73 -38.55
N THR B 58 -9.51 18.61 -38.99
CA THR B 58 -8.91 17.29 -38.75
C THR B 58 -9.22 16.34 -39.91
N SER B 59 -8.40 15.30 -40.05
CA SER B 59 -8.56 14.25 -41.07
C SER B 59 -7.86 13.04 -40.51
N TYR B 60 -8.34 11.86 -40.84
CA TYR B 60 -7.77 10.63 -40.33
C TYR B 60 -7.46 9.67 -41.43
N ASN B 61 -6.67 8.67 -41.07
CA ASN B 61 -6.30 7.58 -41.96
C ASN B 61 -7.51 6.66 -41.76
N GLN B 62 -8.16 6.24 -42.85
CA GLN B 62 -9.32 5.38 -42.73
C GLN B 62 -9.07 4.26 -41.71
N LYS B 63 -7.85 3.72 -41.71
CA LYS B 63 -7.49 2.68 -40.78
C LYS B 63 -7.68 3.10 -39.30
N PHE B 64 -7.37 4.35 -38.96
CA PHE B 64 -7.47 4.81 -37.59
C PHE B 64 -8.68 5.61 -37.16
N LYS B 65 -9.60 5.86 -38.07
CA LYS B 65 -10.79 6.58 -37.67
C LYS B 65 -11.62 5.56 -36.94
N ASP B 66 -11.97 5.86 -35.70
CA ASP B 66 -12.75 5.01 -34.78
C ASP B 66 -11.85 4.68 -33.60
N LYS B 67 -10.54 4.64 -33.84
CA LYS B 67 -9.61 4.33 -32.76
C LYS B 67 -9.12 5.58 -32.10
N ALA B 68 -8.75 6.58 -32.89
CA ALA B 68 -8.19 7.83 -32.39
C ALA B 68 -9.08 9.05 -32.52
N THR B 69 -8.83 10.04 -31.65
CA THR B 69 -9.56 11.31 -31.63
C THR B 69 -8.55 12.44 -31.38
N LEU B 70 -8.41 13.33 -32.35
CA LEU B 70 -7.49 14.46 -32.24
C LEU B 70 -8.16 15.70 -31.61
N THR B 71 -7.45 16.32 -30.67
CA THR B 71 -7.92 17.45 -29.91
C THR B 71 -6.73 18.30 -29.50
N ALA B 72 -6.97 19.52 -29.04
CA ALA B 72 -5.89 20.40 -28.61
C ALA B 72 -6.38 21.47 -27.67
N ASP B 73 -5.45 22.09 -26.96
CA ASP B 73 -5.73 23.18 -26.04
C ASP B 73 -4.86 24.35 -26.54
N LYS B 74 -5.46 25.29 -27.25
CA LYS B 74 -4.74 26.42 -27.81
C LYS B 74 -4.06 27.31 -26.81
N SER B 75 -4.60 27.40 -25.60
CA SER B 75 -4.01 28.24 -24.57
C SER B 75 -2.70 27.68 -24.05
N SER B 76 -2.70 26.42 -23.63
CA SER B 76 -1.50 25.79 -23.12
C SER B 76 -0.59 25.28 -24.23
N ASN B 77 -0.99 25.49 -25.49
CA ASN B 77 -0.20 25.04 -26.62
C ASN B 77 0.10 23.56 -26.50
N THR B 78 -0.92 22.79 -26.15
CA THR B 78 -0.79 21.34 -26.00
C THR B 78 -1.79 20.69 -26.94
N ALA B 79 -1.37 19.62 -27.60
CA ALA B 79 -2.21 18.84 -28.51
C ALA B 79 -2.41 17.47 -27.85
N TYR B 80 -3.55 16.83 -28.06
CA TYR B 80 -3.81 15.52 -27.45
C TYR B 80 -4.32 14.50 -28.47
N MET B 81 -4.18 13.23 -28.09
CA MET B 81 -4.67 12.12 -28.89
C MET B 81 -5.19 11.09 -27.92
N GLN B 82 -6.44 10.68 -28.11
CA GLN B 82 -7.07 9.67 -27.29
C GLN B 82 -7.31 8.46 -28.15
N LEU B 83 -6.97 7.31 -27.59
CA LEU B 83 -7.13 6.01 -28.26
C LEU B 83 -8.13 5.27 -27.37
N SER B 84 -9.18 4.73 -27.97
CA SER B 84 -10.19 4.06 -27.20
C SER B 84 -10.31 2.58 -27.45
N SER B 85 -10.94 1.88 -26.50
CA SER B 85 -11.16 0.43 -26.61
C SER B 85 -9.86 -0.29 -26.91
N LEU B 86 -8.86 -0.04 -26.09
CA LEU B 86 -7.54 -0.61 -26.28
C LEU B 86 -7.48 -2.14 -26.34
N THR B 87 -6.71 -2.62 -27.32
CA THR B 87 -6.45 -4.04 -27.54
C THR B 87 -4.93 -4.17 -27.62
N SER B 88 -4.39 -5.36 -27.40
CA SER B 88 -2.94 -5.53 -27.48
C SER B 88 -2.39 -5.10 -28.85
N GLU B 89 -3.25 -5.01 -29.86
CA GLU B 89 -2.82 -4.56 -31.18
C GLU B 89 -2.39 -3.10 -31.15
N ASP B 90 -2.74 -2.41 -30.07
CA ASP B 90 -2.41 -1.00 -29.94
C ASP B 90 -1.09 -0.76 -29.20
N SER B 91 -0.49 -1.82 -28.68
CA SER B 91 0.79 -1.67 -27.96
C SER B 91 1.78 -1.21 -29.02
N ALA B 92 2.40 -0.06 -28.81
CA ALA B 92 3.34 0.51 -29.79
C ALA B 92 3.91 1.79 -29.24
N VAL B 93 4.59 2.53 -30.10
CA VAL B 93 5.18 3.81 -29.73
C VAL B 93 4.48 4.86 -30.57
N TYR B 94 4.08 5.96 -29.95
CA TYR B 94 3.36 7.00 -30.66
C TYR B 94 4.10 8.33 -30.72
N TYR B 95 4.16 8.94 -31.90
CA TYR B 95 4.85 10.22 -32.08
C TYR B 95 3.93 11.32 -32.58
N CYS B 96 4.35 12.57 -32.37
CA CYS B 96 3.64 13.75 -32.86
C CYS B 96 4.77 14.51 -33.59
N ALA B 97 4.49 14.93 -34.82
CA ALA B 97 5.44 15.67 -35.64
C ALA B 97 4.75 16.94 -36.12
N ARG B 98 5.52 17.90 -36.63
CA ARG B 98 5.01 19.17 -37.11
C ARG B 98 5.17 19.28 -38.63
N SER B 99 4.20 19.93 -39.27
CA SER B 99 4.24 20.09 -40.71
C SER B 99 5.33 21.05 -41.11
N GLY B 100 6.29 20.54 -41.87
CA GLY B 100 7.36 21.40 -42.35
C GLY B 100 6.81 22.46 -43.28
N GLY B 101 5.65 22.17 -43.85
CA GLY B 101 5.01 23.13 -44.75
C GLY B 101 3.95 23.99 -44.09
N SER B 102 4.06 24.19 -42.77
CA SER B 102 3.11 24.97 -41.96
C SER B 102 1.67 24.44 -42.06
N TYR B 103 0.81 25.12 -42.81
CA TYR B 103 -0.58 24.66 -42.95
C TYR B 103 -0.77 23.84 -44.22
N ARG B 104 0.28 23.72 -45.03
CA ARG B 104 0.20 22.95 -46.26
C ARG B 104 0.60 21.49 -46.01
N TYR B 105 0.29 20.60 -46.95
CA TYR B 105 0.59 19.18 -46.76
C TYR B 105 1.82 18.70 -47.53
N ASP B 106 2.89 19.47 -47.46
CA ASP B 106 4.16 19.13 -48.10
C ASP B 106 5.28 19.69 -47.22
N GLY B 107 6.54 19.45 -47.58
CA GLY B 107 7.64 19.93 -46.77
C GLY B 107 8.07 18.92 -45.70
N GLY B 108 7.40 17.77 -45.65
CA GLY B 108 7.71 16.74 -44.68
C GLY B 108 7.39 17.07 -43.23
N PHE B 109 7.73 16.16 -42.31
CA PHE B 109 7.52 16.36 -40.88
C PHE B 109 8.88 16.88 -40.41
N ASP B 110 9.01 18.19 -40.19
CA ASP B 110 10.28 18.76 -39.78
C ASP B 110 10.80 18.64 -38.34
N TYR B 111 9.91 18.44 -37.35
CA TYR B 111 10.31 18.28 -35.93
C TYR B 111 9.41 17.26 -35.25
N TRP B 112 10.00 16.28 -34.59
CA TRP B 112 9.23 15.23 -33.93
C TRP B 112 9.37 15.21 -32.39
N GLY B 113 8.43 14.55 -31.71
CA GLY B 113 8.51 14.42 -30.26
C GLY B 113 9.30 13.14 -30.01
N GLN B 114 9.66 12.85 -28.77
CA GLN B 114 10.42 11.63 -28.48
C GLN B 114 9.58 10.36 -28.44
N GLY B 115 8.26 10.50 -28.50
CA GLY B 115 7.36 9.35 -28.47
C GLY B 115 6.85 8.93 -27.11
N THR B 116 5.63 8.38 -27.07
CA THR B 116 5.03 7.89 -25.81
C THR B 116 4.70 6.44 -26.10
N THR B 117 5.06 5.54 -25.19
CA THR B 117 4.78 4.13 -25.39
C THR B 117 3.53 3.70 -24.63
N VAL B 118 2.64 3.01 -25.33
CA VAL B 118 1.43 2.51 -24.69
C VAL B 118 1.56 0.98 -24.70
N THR B 119 1.42 0.37 -23.52
CA THR B 119 1.53 -1.08 -23.35
C THR B 119 0.22 -1.64 -22.86
N VAL B 120 -0.52 -2.30 -23.74
CA VAL B 120 -1.81 -2.86 -23.40
C VAL B 120 -1.77 -4.37 -23.14
N SER B 121 -2.35 -4.79 -22.02
CA SER B 121 -2.44 -6.21 -21.62
C SER B 121 -2.96 -6.35 -20.20
N SER B 122 -3.36 -7.56 -19.84
CA SER B 122 -3.87 -7.81 -18.50
C SER B 122 -2.72 -8.06 -17.50
N ASP C 1 -3.37 3.08 -50.94
CA ASP C 1 -2.58 4.27 -51.33
C ASP C 1 -1.23 3.85 -51.89
N ILE C 2 -0.35 4.82 -52.11
CA ILE C 2 0.98 4.59 -52.62
C ILE C 2 1.77 3.77 -51.60
N GLU C 3 2.38 2.68 -52.05
CA GLU C 3 3.20 1.85 -51.15
C GLU C 3 4.67 2.16 -51.44
N LEU C 4 5.48 2.37 -50.40
CA LEU C 4 6.90 2.65 -50.56
C LEU C 4 7.70 1.43 -50.14
N THR C 5 8.62 1.02 -51.00
CA THR C 5 9.44 -0.16 -50.71
C THR C 5 10.92 0.17 -50.65
N GLN C 6 11.52 -0.09 -49.48
CA GLN C 6 12.93 0.15 -49.29
C GLN C 6 13.61 -1.19 -49.45
N THR C 7 14.33 -1.33 -50.55
CA THR C 7 15.05 -2.57 -50.82
C THR C 7 16.09 -2.74 -49.71
N THR C 8 16.31 -3.99 -49.29
CA THR C 8 17.27 -4.31 -48.22
C THR C 8 17.10 -3.52 -46.93
N SER C 9 16.83 -4.25 -45.86
CA SER C 9 16.63 -3.68 -44.55
C SER C 9 17.90 -3.52 -43.72
N SER C 10 19.02 -4.02 -44.24
CA SER C 10 20.29 -3.95 -43.52
C SER C 10 21.45 -3.55 -44.39
N LEU C 11 22.33 -2.75 -43.83
CA LEU C 11 23.51 -2.29 -44.55
C LEU C 11 24.71 -2.24 -43.62
N SER C 12 25.48 -3.32 -43.61
CA SER C 12 26.68 -3.39 -42.80
C SER C 12 27.76 -2.69 -43.62
N ALA C 13 28.36 -1.65 -43.05
CA ALA C 13 29.39 -0.90 -43.76
C ALA C 13 30.50 -0.54 -42.79
N SER C 14 31.57 0.05 -43.31
CA SER C 14 32.70 0.43 -42.50
C SER C 14 32.86 1.93 -42.51
N LEU C 15 33.19 2.49 -41.36
CA LEU C 15 33.37 3.93 -41.22
C LEU C 15 34.25 4.46 -42.34
N GLY C 16 33.87 5.62 -42.88
CA GLY C 16 34.63 6.23 -43.94
C GLY C 16 34.07 6.04 -45.34
N ASP C 17 33.42 4.91 -45.61
CA ASP C 17 32.88 4.68 -46.95
C ASP C 17 31.63 5.50 -47.35
N ARG C 18 31.06 5.14 -48.50
CA ARG C 18 29.90 5.81 -49.08
C ARG C 18 28.77 4.83 -49.38
N VAL C 19 27.71 4.86 -48.56
CA VAL C 19 26.58 3.96 -48.72
C VAL C 19 25.45 4.60 -49.54
N THR C 20 24.54 3.77 -50.04
CA THR C 20 23.41 4.26 -50.83
C THR C 20 22.18 3.43 -50.60
N ILE C 21 21.17 4.06 -50.01
CA ILE C 21 19.91 3.40 -49.71
C ILE C 21 18.82 3.88 -50.68
N SER C 22 17.96 2.95 -51.10
CA SER C 22 16.91 3.30 -52.05
C SER C 22 15.47 3.01 -51.64
N CYS C 23 14.56 3.72 -52.31
CA CYS C 23 13.14 3.64 -52.07
C CYS C 23 12.43 3.64 -53.43
N ARG C 24 11.42 2.80 -53.61
CA ARG C 24 10.70 2.79 -54.87
C ARG C 24 9.21 2.91 -54.62
N ALA C 25 8.58 3.86 -55.31
CA ALA C 25 7.16 4.13 -55.16
C ALA C 25 6.29 3.35 -56.13
N SER C 26 5.15 2.87 -55.63
CA SER C 26 4.19 2.11 -56.44
C SER C 26 3.68 2.94 -57.61
N GLN C 27 3.82 4.25 -57.54
CA GLN C 27 3.39 5.09 -58.64
C GLN C 27 4.16 6.40 -58.68
N ASP C 28 3.95 7.16 -59.75
CA ASP C 28 4.68 8.41 -59.86
C ASP C 28 4.21 9.32 -58.73
N ILE C 29 5.16 9.89 -57.99
CA ILE C 29 4.86 10.76 -56.88
C ILE C 29 5.48 12.14 -57.03
N SER C 30 5.75 12.49 -58.28
CA SER C 30 6.35 13.78 -58.66
C SER C 30 7.33 14.43 -57.69
N ASN C 31 8.34 13.66 -57.25
CA ASN C 31 9.38 14.18 -56.36
C ASN C 31 8.98 14.49 -54.94
N TYR C 32 7.73 14.20 -54.62
CA TYR C 32 7.20 14.43 -53.28
C TYR C 32 7.61 13.27 -52.40
N LEU C 33 8.90 13.16 -52.12
CA LEU C 33 9.41 12.10 -51.26
C LEU C 33 10.47 12.66 -50.32
N ASN C 34 10.43 12.27 -49.04
CA ASN C 34 11.37 12.74 -48.00
C ASN C 34 12.11 11.61 -47.27
N TRP C 35 13.19 11.95 -46.54
CA TRP C 35 14.01 10.99 -45.79
C TRP C 35 14.19 11.34 -44.31
N TYR C 36 14.07 10.33 -43.44
CA TYR C 36 14.23 10.50 -42.00
C TYR C 36 15.28 9.56 -41.41
N GLN C 37 15.82 9.99 -40.27
CA GLN C 37 16.82 9.23 -39.52
C GLN C 37 16.33 8.95 -38.09
N GLN C 38 16.07 7.68 -37.79
CA GLN C 38 15.68 7.34 -36.44
C GLN C 38 16.88 6.73 -35.70
N ASN C 39 17.35 7.45 -34.68
CA ASN C 39 18.47 7.00 -33.87
C ASN C 39 18.07 5.80 -33.04
N PRO C 40 19.06 5.09 -32.50
CA PRO C 40 18.78 3.91 -31.66
C PRO C 40 18.21 4.29 -30.28
N ASP C 41 18.14 5.58 -29.99
CA ASP C 41 17.61 6.05 -28.72
C ASP C 41 16.16 6.52 -28.85
N GLY C 42 15.62 6.46 -30.06
CA GLY C 42 14.24 6.89 -30.29
C GLY C 42 14.04 8.17 -31.07
N THR C 43 15.05 9.04 -31.06
CA THR C 43 15.03 10.32 -31.75
C THR C 43 14.86 10.17 -33.26
N VAL C 44 13.95 10.96 -33.86
CA VAL C 44 13.72 10.93 -35.31
C VAL C 44 14.08 12.31 -35.83
N LYS C 45 14.73 12.36 -37.00
CA LYS C 45 15.15 13.64 -37.60
C LYS C 45 14.92 13.68 -39.12
N LEU C 46 14.47 14.83 -39.64
CA LEU C 46 14.24 15.00 -41.10
C LEU C 46 15.59 15.37 -41.73
N LEU C 47 16.00 14.63 -42.74
CA LEU C 47 17.26 14.90 -43.42
C LEU C 47 17.07 15.70 -44.70
N ILE C 48 16.39 15.06 -45.66
CA ILE C 48 16.10 15.61 -46.98
C ILE C 48 14.58 15.68 -47.16
N TYR C 49 14.11 16.66 -47.93
CA TYR C 49 12.69 16.80 -48.26
C TYR C 49 12.61 17.25 -49.71
N TYR C 50 11.61 16.73 -50.42
CA TYR C 50 11.38 17.04 -51.82
C TYR C 50 12.48 16.53 -52.72
N THR C 51 12.80 15.27 -52.53
CA THR C 51 13.82 14.57 -53.31
C THR C 51 15.27 14.94 -53.01
N SER C 52 15.56 16.23 -52.83
CA SER C 52 16.94 16.61 -52.56
C SER C 52 17.18 17.84 -51.68
N ASN C 53 16.16 18.39 -51.05
CA ASN C 53 16.39 19.58 -50.23
C ASN C 53 16.83 19.16 -48.86
N LEU C 54 17.87 19.83 -48.35
CA LEU C 54 18.42 19.51 -47.04
C LEU C 54 17.74 20.30 -45.95
N HIS C 55 17.37 19.65 -44.86
CA HIS C 55 16.74 20.37 -43.76
C HIS C 55 17.88 21.10 -43.07
N SER C 56 17.57 22.20 -42.39
CA SER C 56 18.60 22.99 -41.72
C SER C 56 19.50 22.19 -40.76
N GLU C 57 20.80 22.48 -40.83
CA GLU C 57 21.84 21.85 -40.01
C GLU C 57 22.04 20.34 -40.20
N VAL C 58 21.89 19.90 -41.44
CA VAL C 58 22.08 18.50 -41.78
C VAL C 58 23.44 18.36 -42.47
N PRO C 59 24.33 17.52 -41.90
CA PRO C 59 25.65 17.32 -42.49
C PRO C 59 25.61 17.08 -44.00
N SER C 60 26.32 17.95 -44.72
CA SER C 60 26.40 17.96 -46.19
C SER C 60 26.81 16.67 -46.88
N ARG C 61 27.17 15.65 -46.12
CA ARG C 61 27.56 14.38 -46.71
C ARG C 61 26.32 13.59 -47.10
N PHE C 62 25.16 14.10 -46.70
CA PHE C 62 23.88 13.48 -47.02
C PHE C 62 23.37 14.14 -48.28
N SER C 63 22.89 13.35 -49.22
CA SER C 63 22.36 13.89 -50.46
C SER C 63 21.28 12.94 -50.98
N GLY C 64 20.33 13.47 -51.74
CA GLY C 64 19.28 12.62 -52.26
C GLY C 64 18.99 12.93 -53.71
N SER C 65 18.31 12.02 -54.38
CA SER C 65 17.97 12.19 -55.79
C SER C 65 16.94 11.18 -56.25
N GLY C 66 16.44 11.36 -57.46
CA GLY C 66 15.45 10.46 -58.02
C GLY C 66 14.41 11.20 -58.83
N SER C 67 13.45 10.46 -59.34
CA SER C 67 12.34 11.02 -60.13
C SER C 67 11.35 9.90 -60.41
N GLY C 68 10.15 10.28 -60.83
CA GLY C 68 9.15 9.28 -61.11
C GLY C 68 8.88 8.41 -59.89
N THR C 69 9.30 7.14 -59.97
CA THR C 69 9.11 6.19 -58.89
C THR C 69 10.38 5.78 -58.16
N ASP C 70 11.55 6.06 -58.73
CA ASP C 70 12.78 5.65 -58.08
C ASP C 70 13.58 6.82 -57.48
N TYR C 71 13.92 6.69 -56.19
CA TYR C 71 14.68 7.71 -55.43
C TYR C 71 15.77 7.07 -54.56
N SER C 72 16.79 7.84 -54.21
CA SER C 72 17.92 7.36 -53.41
C SER C 72 18.55 8.39 -52.46
N LEU C 73 19.20 7.91 -51.41
CA LEU C 73 19.88 8.75 -50.43
C LEU C 73 21.33 8.25 -50.36
N THR C 74 22.26 9.19 -50.35
CA THR C 74 23.67 8.86 -50.32
C THR C 74 24.44 9.58 -49.24
N ILE C 75 25.24 8.81 -48.50
CA ILE C 75 26.07 9.33 -47.42
C ILE C 75 27.52 9.09 -47.85
N SER C 76 28.18 10.17 -48.27
CA SER C 76 29.56 10.14 -48.76
C SER C 76 30.62 9.41 -47.94
N ASN C 77 30.88 9.90 -46.73
CA ASN C 77 31.90 9.30 -45.91
C ASN C 77 31.39 9.10 -44.50
N LEU C 78 30.90 7.89 -44.25
CA LEU C 78 30.34 7.49 -42.95
C LEU C 78 31.11 7.91 -41.70
N GLU C 79 30.36 8.24 -40.66
CA GLU C 79 30.90 8.61 -39.36
C GLU C 79 30.20 7.68 -38.38
N GLN C 80 30.62 7.67 -37.14
CA GLN C 80 30.00 6.78 -36.17
C GLN C 80 28.56 7.17 -35.84
N GLU C 81 28.28 8.47 -35.89
CA GLU C 81 26.94 8.96 -35.59
C GLU C 81 25.91 8.68 -36.68
N ASP C 82 26.33 8.03 -37.76
CA ASP C 82 25.41 7.72 -38.85
C ASP C 82 24.74 6.37 -38.67
N ILE C 83 24.98 5.74 -37.51
CA ILE C 83 24.38 4.46 -37.17
C ILE C 83 22.92 4.71 -36.77
N ALA C 84 22.00 4.32 -37.64
CA ALA C 84 20.57 4.52 -37.41
C ALA C 84 19.79 3.74 -38.45
N THR C 85 18.46 3.90 -38.45
CA THR C 85 17.57 3.27 -39.41
C THR C 85 17.08 4.44 -40.26
N TYR C 86 17.04 4.28 -41.57
CA TYR C 86 16.61 5.35 -42.45
C TYR C 86 15.29 4.99 -43.14
N PHE C 87 14.37 5.95 -43.17
CA PHE C 87 13.05 5.74 -43.76
C PHE C 87 12.74 6.77 -44.86
N CYS C 88 11.95 6.37 -45.84
CA CYS C 88 11.52 7.29 -46.91
C CYS C 88 10.01 7.45 -46.74
N GLN C 89 9.48 8.63 -47.08
CA GLN C 89 8.06 8.88 -46.96
C GLN C 89 7.55 9.77 -48.09
N GLN C 90 6.30 9.57 -48.50
CA GLN C 90 5.72 10.37 -49.57
C GLN C 90 4.63 11.32 -49.06
N ASP C 91 4.46 12.41 -49.79
CA ASP C 91 3.44 13.37 -49.46
C ASP C 91 2.87 13.98 -50.73
N PHE C 92 2.74 13.14 -51.75
CA PHE C 92 2.17 13.57 -53.01
C PHE C 92 0.65 13.55 -52.83
N THR C 93 0.17 12.57 -52.08
CA THR C 93 -1.24 12.42 -51.84
C THR C 93 -1.46 11.76 -50.48
N LEU C 94 -2.63 11.99 -49.89
CA LEU C 94 -2.98 11.44 -48.59
C LEU C 94 -3.69 10.10 -48.77
N PRO C 95 -3.54 9.17 -47.80
CA PRO C 95 -2.72 9.33 -46.59
C PRO C 95 -1.24 9.17 -46.84
N PHE C 96 -0.48 9.81 -45.98
CA PHE C 96 0.96 9.75 -46.02
C PHE C 96 1.39 8.30 -45.73
N THR C 97 2.43 7.83 -46.43
CA THR C 97 2.96 6.47 -46.23
C THR C 97 4.49 6.50 -46.13
N PHE C 98 5.05 5.65 -45.27
CA PHE C 98 6.50 5.54 -45.04
C PHE C 98 7.03 4.22 -45.63
N GLY C 99 8.36 4.15 -45.77
CA GLY C 99 9.01 2.95 -46.27
C GLY C 99 9.31 1.99 -45.12
N GLY C 100 9.81 0.81 -45.43
CA GLY C 100 10.11 -0.15 -44.39
C GLY C 100 11.29 0.15 -43.50
N GLY C 101 12.16 1.05 -43.95
CA GLY C 101 13.34 1.38 -43.19
C GLY C 101 14.51 0.47 -43.56
N THR C 102 15.71 0.97 -43.31
CA THR C 102 16.93 0.23 -43.59
C THR C 102 17.92 0.49 -42.46
N LYS C 103 18.18 -0.56 -41.68
CA LYS C 103 19.10 -0.51 -40.55
C LYS C 103 20.54 -0.49 -41.07
N LEU C 104 21.27 0.55 -40.72
CA LEU C 104 22.66 0.72 -41.14
C LEU C 104 23.61 0.40 -39.98
N GLU C 105 24.41 -0.65 -40.14
CA GLU C 105 25.36 -1.01 -39.10
C GLU C 105 26.80 -0.98 -39.57
N ILE C 106 27.59 -0.15 -38.89
CA ILE C 106 29.03 -0.03 -39.18
C ILE C 106 29.66 -1.32 -38.65
N ARG C 107 29.73 -2.31 -39.55
CA ARG C 107 30.26 -3.64 -39.26
C ARG C 107 31.61 -3.69 -38.54
N ASP C 108 31.59 -4.30 -37.36
CA ASP C 108 32.77 -4.46 -36.51
C ASP C 108 33.76 -5.45 -37.12
N TYR C 109 33.26 -6.63 -37.47
CA TYR C 109 34.08 -7.68 -38.05
C TYR C 109 33.14 -8.78 -38.53
N ARG D 1 -16.86 2.71 27.71
CA ARG D 1 -15.42 2.33 27.73
C ARG D 1 -15.23 1.11 26.83
N ASP D 2 -14.02 0.95 26.30
CA ASP D 2 -13.71 -0.17 25.43
C ASP D 2 -12.94 -1.14 26.27
N PHE D 3 -12.59 -2.27 25.66
CA PHE D 3 -11.80 -3.28 26.33
C PHE D 3 -10.34 -2.83 26.27
N ASN D 4 -9.61 -3.00 27.38
CA ASN D 4 -8.19 -2.64 27.45
C ASN D 4 -7.32 -3.58 26.62
N ASN D 5 -6.29 -3.04 25.98
CA ASN D 5 -5.34 -3.83 25.19
C ASN D 5 -3.93 -3.60 25.74
N LEU D 6 -3.15 -4.66 25.85
CA LEU D 6 -1.78 -4.57 26.35
C LEU D 6 -0.87 -4.02 25.26
N THR D 7 -0.91 -2.72 25.08
CA THR D 7 -0.13 -2.07 24.05
C THR D 7 1.29 -1.70 24.41
N LYS D 8 1.55 -1.48 25.70
CA LYS D 8 2.89 -1.07 26.17
C LYS D 8 3.80 -2.16 26.72
N GLY D 9 5.08 -1.84 26.82
CA GLY D 9 6.08 -2.74 27.38
C GLY D 9 6.38 -2.23 28.79
N LEU D 10 7.21 -2.93 29.54
CA LEU D 10 7.57 -2.57 30.93
C LEU D 10 8.51 -1.37 31.00
N CYS D 11 8.49 -0.65 32.10
CA CYS D 11 9.39 0.49 32.23
C CYS D 11 10.68 -0.09 32.78
N THR D 12 11.75 0.69 32.75
CA THR D 12 13.03 0.25 33.29
C THR D 12 12.99 0.27 34.82
N ILE D 13 13.32 -0.86 35.42
CA ILE D 13 13.31 -1.01 36.86
C ILE D 13 14.71 -0.81 37.45
N ASN D 14 14.93 0.36 38.04
CA ASN D 14 16.20 0.67 38.68
C ASN D 14 16.12 0.57 40.18
N SER D 15 14.92 0.63 40.74
CA SER D 15 14.68 0.48 42.18
C SER D 15 13.16 0.37 42.46
N TRP D 16 12.78 0.13 43.72
CA TRP D 16 11.38 0.03 44.17
C TRP D 16 11.08 1.10 45.24
N HIS D 17 9.87 1.66 45.23
CA HIS D 17 9.43 2.70 46.16
C HIS D 17 8.11 2.23 46.80
N ILE D 18 7.79 2.67 48.05
CA ILE D 18 6.50 2.23 48.67
C ILE D 18 5.30 2.74 47.89
N TYR D 19 4.31 1.87 47.82
CA TYR D 19 3.06 2.15 47.13
C TYR D 19 1.96 2.18 48.20
N GLY D 20 1.86 1.12 49.00
CA GLY D 20 0.82 1.03 50.03
C GLY D 20 1.19 0.08 51.16
N LYS D 21 0.65 0.35 52.36
CA LYS D 21 0.88 -0.47 53.55
C LYS D 21 -0.32 -0.20 54.47
N ASP D 22 -0.92 -1.24 55.03
CA ASP D 22 -2.11 -1.05 55.87
C ASP D 22 -1.99 -1.16 57.39
N ASN D 23 -0.90 -1.74 57.90
CA ASN D 23 -0.70 -1.86 59.36
C ASN D 23 -1.92 -2.48 60.09
N ALA D 24 -2.54 -3.45 59.42
CA ALA D 24 -3.73 -4.11 59.91
C ALA D 24 -3.63 -4.75 61.30
N VAL D 25 -2.54 -5.43 61.60
CA VAL D 25 -2.43 -6.05 62.92
C VAL D 25 -2.16 -5.05 64.07
N ARG D 26 -1.49 -3.94 63.78
CA ARG D 26 -1.25 -2.92 64.80
C ARG D 26 -2.59 -2.30 65.17
N ILE D 27 -3.26 -1.76 64.17
CA ILE D 27 -4.56 -1.13 64.36
C ILE D 27 -5.60 -2.08 64.91
N GLY D 28 -5.58 -3.33 64.44
CA GLY D 28 -6.54 -4.34 64.89
C GLY D 28 -6.45 -4.77 66.36
N GLU D 29 -5.38 -4.40 67.06
CA GLU D 29 -5.25 -4.72 68.49
C GLU D 29 -6.37 -3.97 69.27
N ASP D 30 -6.90 -2.91 68.66
CA ASP D 30 -7.95 -2.10 69.27
C ASP D 30 -8.87 -1.52 68.16
N SER D 31 -9.47 -2.38 67.36
CA SER D 31 -10.34 -1.96 66.29
C SER D 31 -11.04 -3.16 65.70
N ASP D 32 -12.07 -2.93 64.91
CA ASP D 32 -12.83 -4.01 64.29
C ASP D 32 -12.30 -4.43 62.95
N VAL D 33 -11.11 -5.02 63.00
CA VAL D 33 -10.39 -5.51 61.83
C VAL D 33 -10.55 -7.02 61.67
N LEU D 34 -10.93 -7.41 60.45
CA LEU D 34 -11.13 -8.81 60.11
C LEU D 34 -9.83 -9.64 60.03
N VAL D 35 -9.88 -10.89 60.48
CA VAL D 35 -8.73 -11.82 60.34
C VAL D 35 -8.75 -12.23 58.83
N THR D 36 -7.60 -12.14 58.16
CA THR D 36 -7.48 -12.47 56.75
C THR D 36 -6.20 -13.29 56.47
N ARG D 37 -5.93 -13.53 55.19
CA ARG D 37 -4.75 -14.22 54.65
C ARG D 37 -4.99 -14.40 53.15
N GLU D 38 -3.89 -14.58 52.42
CA GLU D 38 -3.87 -14.75 50.95
C GLU D 38 -4.40 -13.50 50.28
N PRO D 39 -3.68 -12.36 50.45
CA PRO D 39 -4.07 -11.07 49.87
C PRO D 39 -3.46 -10.76 48.52
N TYR D 40 -3.93 -9.69 47.90
CA TYR D 40 -3.40 -9.21 46.63
C TYR D 40 -3.89 -7.79 46.39
N VAL D 41 -3.53 -7.22 45.23
CA VAL D 41 -3.93 -5.86 44.87
C VAL D 41 -4.41 -5.94 43.42
N SER D 42 -5.33 -5.06 43.01
CA SER D 42 -5.84 -5.08 41.66
C SER D 42 -6.48 -3.73 41.31
N CYS D 43 -6.25 -3.25 40.10
CA CYS D 43 -6.77 -1.96 39.70
C CYS D 43 -7.97 -1.96 38.77
N ASP D 44 -8.67 -0.83 38.78
CA ASP D 44 -9.83 -0.56 37.93
C ASP D 44 -9.40 0.66 37.16
N PRO D 45 -10.17 1.03 36.15
CA PRO D 45 -9.76 2.20 35.40
C PRO D 45 -9.72 3.45 36.25
N ASP D 46 -10.41 3.42 37.38
CA ASP D 46 -10.49 4.58 38.26
C ASP D 46 -9.86 4.47 39.65
N GLU D 47 -9.51 3.26 40.10
CA GLU D 47 -8.91 3.11 41.44
C GLU D 47 -8.32 1.73 41.62
N CYS D 48 -7.33 1.59 42.50
CA CYS D 48 -6.71 0.28 42.81
C CYS D 48 -7.13 0.00 44.25
N ARG D 49 -7.31 -1.27 44.62
CA ARG D 49 -7.77 -1.66 45.96
C ARG D 49 -7.02 -2.87 46.49
N PHE D 50 -7.17 -3.13 47.78
CA PHE D 50 -6.57 -4.29 48.44
C PHE D 50 -7.61 -5.41 48.43
N TYR D 51 -7.18 -6.66 48.32
CA TYR D 51 -8.07 -7.83 48.27
C TYR D 51 -7.47 -8.87 49.19
N ALA D 52 -8.31 -9.75 49.74
CA ALA D 52 -7.86 -10.83 50.59
C ALA D 52 -9.02 -11.75 50.93
N LEU D 53 -8.70 -12.90 51.53
CA LEU D 53 -9.69 -13.91 51.92
C LEU D 53 -9.90 -13.82 53.44
N SER D 54 -11.08 -13.34 53.80
CA SER D 54 -11.47 -13.17 55.20
C SER D 54 -11.67 -14.49 55.93
N GLN D 55 -11.66 -14.45 57.24
CA GLN D 55 -11.90 -15.64 58.02
C GLN D 55 -13.20 -15.55 58.85
N GLY D 56 -14.03 -14.54 58.58
CA GLY D 56 -15.30 -14.42 59.31
C GLY D 56 -15.28 -14.15 60.81
N THR D 57 -14.30 -13.35 61.27
CA THR D 57 -14.15 -12.93 62.68
C THR D 57 -13.23 -11.73 62.65
N THR D 58 -13.19 -11.01 63.78
CA THR D 58 -12.28 -9.88 63.96
C THR D 58 -11.10 -10.52 64.75
N ILE D 59 -9.90 -9.92 64.66
CA ILE D 59 -8.70 -10.41 65.35
C ILE D 59 -8.88 -10.57 66.86
N ARG D 60 -9.52 -9.60 67.48
CA ARG D 60 -9.72 -9.62 68.94
C ARG D 60 -10.94 -10.48 69.42
N GLY D 61 -11.73 -11.00 68.48
CA GLY D 61 -12.90 -11.81 68.84
C GLY D 61 -12.61 -13.26 69.21
N LYS D 62 -13.43 -13.82 70.07
CA LYS D 62 -13.23 -15.19 70.48
C LYS D 62 -13.18 -16.22 69.35
N HIS D 63 -13.85 -15.96 68.24
CA HIS D 63 -13.85 -16.92 67.12
C HIS D 63 -12.54 -16.92 66.33
N SER D 64 -11.59 -16.09 66.72
CA SER D 64 -10.30 -16.02 66.02
C SER D 64 -9.46 -17.23 66.37
N ASN D 65 -9.82 -17.87 67.47
CA ASN D 65 -9.13 -19.06 67.94
C ASN D 65 -9.35 -20.17 66.89
N GLY D 66 -8.26 -20.67 66.31
CA GLY D 66 -8.37 -21.73 65.33
C GLY D 66 -8.33 -21.27 63.87
N THR D 67 -7.97 -20.01 63.67
CA THR D 67 -7.90 -19.45 62.33
C THR D 67 -6.71 -19.91 61.48
N ILE D 68 -5.95 -20.87 61.99
CA ILE D 68 -4.84 -21.34 61.17
C ILE D 68 -5.41 -22.13 59.96
N HIS D 69 -6.53 -22.83 60.16
CA HIS D 69 -7.13 -23.61 59.07
C HIS D 69 -7.48 -22.74 57.87
N ASP D 70 -7.33 -23.30 56.68
CA ASP D 70 -7.58 -22.53 55.45
C ASP D 70 -8.90 -22.71 54.70
N ARG D 71 -9.66 -23.77 54.95
CA ARG D 71 -10.88 -23.95 54.21
C ARG D 71 -12.12 -24.11 55.07
N SER D 72 -13.09 -23.21 54.94
CA SER D 72 -14.32 -23.27 55.70
C SER D 72 -15.45 -22.52 55.01
N GLN D 73 -16.64 -22.63 55.55
CA GLN D 73 -17.75 -21.92 54.95
C GLN D 73 -17.84 -20.49 55.49
N TYR D 74 -16.85 -20.07 56.26
CA TYR D 74 -16.85 -18.74 56.86
C TYR D 74 -15.88 -17.79 56.18
N ARG D 75 -15.35 -18.15 55.00
CA ARG D 75 -14.44 -17.28 54.27
C ARG D 75 -15.13 -16.64 53.07
N ALA D 76 -14.53 -15.57 52.56
CA ALA D 76 -15.06 -14.86 51.40
C ALA D 76 -13.97 -13.94 50.87
N LEU D 77 -14.07 -13.56 49.62
CA LEU D 77 -13.09 -12.67 49.05
C LEU D 77 -13.56 -11.25 49.36
N ILE D 78 -12.75 -10.46 50.06
CA ILE D 78 -13.12 -9.06 50.31
C ILE D 78 -12.15 -8.06 49.68
N SER D 79 -12.62 -6.83 49.50
CA SER D 79 -11.81 -5.74 48.98
C SER D 79 -12.09 -4.47 49.80
N TRP D 80 -11.03 -3.78 50.22
CA TRP D 80 -11.14 -2.52 50.94
C TRP D 80 -10.30 -1.43 50.19
N PRO D 81 -10.48 -0.13 50.54
CA PRO D 81 -9.69 0.86 49.81
C PRO D 81 -8.20 0.77 50.11
N LEU D 82 -7.41 1.19 49.14
CA LEU D 82 -5.96 1.13 49.23
C LEU D 82 -5.36 1.75 50.51
N SER D 83 -4.66 0.92 51.28
CA SER D 83 -3.97 1.32 52.52
C SER D 83 -4.71 1.40 53.85
N SER D 84 -6.01 1.17 53.84
CA SER D 84 -6.80 1.15 55.07
C SER D 84 -6.75 -0.31 55.50
N PRO D 85 -7.15 -0.60 56.74
CA PRO D 85 -7.11 -2.01 57.11
C PRO D 85 -8.43 -2.67 56.67
N PRO D 86 -8.50 -4.02 56.68
CA PRO D 86 -9.72 -4.73 56.28
C PRO D 86 -10.69 -4.71 57.47
N THR D 87 -11.58 -3.74 57.45
CA THR D 87 -12.55 -3.49 58.51
C THR D 87 -13.95 -4.10 58.36
N VAL D 88 -14.57 -4.44 59.47
CA VAL D 88 -15.92 -5.00 59.38
C VAL D 88 -16.82 -4.00 58.63
N TYR D 89 -16.69 -2.72 58.95
CA TYR D 89 -17.49 -1.66 58.37
C TYR D 89 -17.08 -1.10 57.01
N ASN D 90 -15.87 -1.35 56.53
CA ASN D 90 -15.51 -0.76 55.24
C ASN D 90 -15.13 -1.73 54.11
N SER D 91 -15.24 -3.03 54.38
CA SER D 91 -14.91 -4.06 53.40
C SER D 91 -16.09 -4.40 52.50
N ARG D 92 -15.85 -4.71 51.23
CA ARG D 92 -16.92 -5.06 50.32
C ARG D 92 -16.72 -6.51 49.89
N VAL D 93 -17.67 -7.39 50.24
CA VAL D 93 -17.57 -8.82 49.88
C VAL D 93 -17.69 -9.04 48.37
N GLU D 94 -16.68 -9.63 47.74
CA GLU D 94 -16.75 -9.87 46.29
C GLU D 94 -17.44 -11.20 45.96
N CYS D 95 -17.19 -12.24 46.76
CA CYS D 95 -17.85 -13.54 46.60
C CYS D 95 -17.50 -14.49 47.73
N ILE D 96 -18.16 -15.65 47.77
CA ILE D 96 -17.94 -16.61 48.84
C ILE D 96 -17.08 -17.81 48.43
N GLY D 97 -16.00 -18.04 49.18
CA GLY D 97 -15.11 -19.16 48.90
C GLY D 97 -13.76 -19.09 49.62
N TRP D 98 -12.98 -20.17 49.52
CA TRP D 98 -11.67 -20.24 50.15
C TRP D 98 -10.45 -20.18 49.19
N SER D 99 -10.72 -19.88 47.92
CA SER D 99 -9.67 -19.72 46.89
C SER D 99 -10.24 -18.74 45.89
N SER D 100 -9.40 -17.89 45.28
CA SER D 100 -9.91 -16.87 44.35
C SER D 100 -8.90 -16.21 43.41
N THR D 101 -9.46 -15.34 42.55
CA THR D 101 -8.75 -14.51 41.60
C THR D 101 -9.75 -13.40 41.13
N SER D 102 -9.27 -12.30 40.55
CA SER D 102 -10.13 -11.19 40.12
C SER D 102 -9.42 -10.22 39.18
N CYS D 103 -10.15 -9.55 38.28
CA CYS D 103 -9.54 -8.60 37.35
C CYS D 103 -10.52 -7.81 36.48
N HIS D 104 -10.14 -6.59 36.11
CA HIS D 104 -10.97 -5.70 35.32
C HIS D 104 -10.53 -5.81 33.86
N ASP D 105 -11.48 -5.65 32.94
CA ASP D 105 -11.17 -5.75 31.51
C ASP D 105 -11.29 -4.44 30.76
N GLY D 106 -11.39 -3.34 31.47
CA GLY D 106 -11.55 -2.06 30.83
C GLY D 106 -13.00 -1.64 30.95
N LYS D 107 -13.93 -2.56 30.71
CA LYS D 107 -15.36 -2.28 30.84
C LYS D 107 -15.86 -2.49 32.26
N THR D 108 -15.68 -3.70 32.78
CA THR D 108 -16.10 -4.05 34.14
C THR D 108 -15.17 -5.13 34.73
N ARG D 109 -15.50 -5.65 35.91
CA ARG D 109 -14.64 -6.62 36.59
C ARG D 109 -15.18 -8.05 36.71
N MET D 110 -14.25 -9.01 36.67
CA MET D 110 -14.59 -10.43 36.79
C MET D 110 -13.96 -11.01 38.06
N SER D 111 -14.77 -11.65 38.90
CA SER D 111 -14.24 -12.25 40.12
C SER D 111 -14.60 -13.73 40.11
N ILE D 112 -13.75 -14.56 40.72
CA ILE D 112 -13.95 -15.99 40.79
C ILE D 112 -13.63 -16.48 42.20
N CYS D 113 -14.55 -17.25 42.78
CA CYS D 113 -14.41 -17.83 44.13
C CYS D 113 -14.78 -19.30 44.06
N ILE D 114 -14.02 -20.13 44.78
CA ILE D 114 -14.21 -21.59 44.81
C ILE D 114 -14.57 -21.97 46.23
N SER D 115 -15.54 -22.86 46.41
CA SER D 115 -15.95 -23.32 47.76
C SER D 115 -16.27 -24.81 47.73
N GLY D 116 -16.65 -25.36 48.87
CA GLY D 116 -17.00 -26.76 48.89
C GLY D 116 -16.02 -27.66 49.62
N PRO D 117 -16.40 -28.93 49.83
CA PRO D 117 -15.52 -29.89 50.50
C PRO D 117 -14.38 -30.26 49.54
N ASN D 118 -13.33 -30.87 50.04
CA ASN D 118 -12.18 -31.24 49.19
C ASN D 118 -12.49 -32.10 47.99
N ASN D 119 -13.51 -32.96 48.08
CA ASN D 119 -13.85 -33.85 46.97
C ASN D 119 -15.07 -33.42 46.15
N ASN D 120 -15.59 -32.24 46.41
CA ASN D 120 -16.79 -31.80 45.68
C ASN D 120 -16.84 -30.28 45.58
N ALA D 121 -15.70 -29.68 45.31
CA ALA D 121 -15.61 -28.23 45.19
C ALA D 121 -16.07 -27.71 43.82
N SER D 122 -16.39 -26.43 43.73
CA SER D 122 -16.85 -25.82 42.47
C SER D 122 -16.57 -24.31 42.44
N ALA D 123 -16.34 -23.79 41.24
CA ALA D 123 -16.06 -22.38 41.02
C ALA D 123 -17.25 -21.66 40.41
N VAL D 124 -17.54 -20.46 40.90
CA VAL D 124 -18.61 -19.66 40.32
C VAL D 124 -17.93 -18.33 39.90
N ILE D 125 -18.09 -18.01 38.61
CA ILE D 125 -17.49 -16.84 37.97
C ILE D 125 -18.45 -15.64 37.96
N TRP D 126 -18.10 -14.57 38.69
CA TRP D 126 -18.94 -13.35 38.72
C TRP D 126 -18.41 -12.32 37.73
N TYR D 127 -19.29 -11.73 36.93
CA TYR D 127 -18.89 -10.71 35.98
C TYR D 127 -19.88 -9.61 36.26
N ASN D 128 -19.39 -8.41 36.50
CA ASN D 128 -20.22 -7.26 36.81
C ASN D 128 -21.10 -7.45 38.06
N ARG D 129 -20.53 -8.09 39.07
CA ARG D 129 -21.20 -8.34 40.35
C ARG D 129 -22.43 -9.26 40.29
N ARG D 130 -22.48 -10.10 39.25
CA ARG D 130 -23.54 -11.08 39.02
C ARG D 130 -22.95 -12.42 38.59
N PRO D 131 -23.51 -13.56 39.08
CA PRO D 131 -23.04 -14.91 38.74
C PRO D 131 -23.27 -15.17 37.27
N VAL D 132 -22.28 -15.70 36.59
CA VAL D 132 -22.49 -15.96 35.18
C VAL D 132 -22.21 -17.40 34.74
N THR D 133 -21.17 -18.02 35.30
CA THR D 133 -20.77 -19.36 34.91
C THR D 133 -20.35 -20.12 36.17
N GLU D 134 -20.46 -21.46 36.15
CA GLU D 134 -20.08 -22.30 37.30
C GLU D 134 -19.29 -23.48 36.73
N ILE D 135 -18.32 -23.97 37.49
CA ILE D 135 -17.48 -25.07 37.04
C ILE D 135 -17.28 -26.05 38.17
N ASN D 136 -17.51 -27.32 37.90
CA ASN D 136 -17.36 -28.34 38.93
C ASN D 136 -15.94 -28.94 38.93
N THR D 137 -15.53 -29.45 40.09
CA THR D 137 -14.23 -30.11 40.26
C THR D 137 -14.03 -31.24 39.23
N TRP D 138 -12.89 -31.26 38.54
CA TRP D 138 -12.66 -32.31 37.56
C TRP D 138 -11.74 -33.44 38.05
N ALA D 139 -11.08 -33.23 39.19
CA ALA D 139 -10.17 -34.23 39.74
C ALA D 139 -10.51 -34.59 41.18
N ARG D 140 -11.60 -34.02 41.68
CA ARG D 140 -12.09 -34.26 43.03
C ARG D 140 -11.05 -34.14 44.15
N ASN D 141 -10.14 -33.19 44.01
CA ASN D 141 -9.15 -32.98 45.05
C ASN D 141 -8.73 -31.51 45.09
N ILE D 142 -9.44 -30.73 45.91
CA ILE D 142 -9.23 -29.30 46.11
C ILE D 142 -9.05 -28.40 44.87
N LEU D 143 -10.13 -28.10 44.15
CA LEU D 143 -10.04 -27.22 42.98
C LEU D 143 -9.50 -25.89 43.58
N ARG D 144 -8.57 -25.23 42.89
CA ARG D 144 -7.94 -24.04 43.41
C ARG D 144 -7.35 -23.15 42.32
N THR D 145 -7.20 -21.86 42.59
CA THR D 145 -6.70 -20.98 41.56
C THR D 145 -5.52 -20.07 41.98
N GLN D 146 -5.31 -18.97 41.27
CA GLN D 146 -4.15 -18.07 41.48
C GLN D 146 -3.83 -17.43 42.84
N GLU D 147 -4.86 -16.85 43.47
CA GLU D 147 -4.72 -16.14 44.74
C GLU D 147 -4.07 -14.75 44.55
N SER D 148 -4.12 -14.25 43.31
CA SER D 148 -3.65 -12.91 42.93
C SER D 148 -4.41 -12.63 41.64
N GLU D 149 -4.33 -11.40 41.12
CA GLU D 149 -5.09 -11.01 39.95
C GLU D 149 -4.79 -11.66 38.60
N CYS D 150 -5.82 -11.74 37.77
CA CYS D 150 -5.74 -12.23 36.40
C CYS D 150 -5.41 -10.99 35.53
N VAL D 151 -5.30 -11.16 34.21
CA VAL D 151 -5.01 -10.05 33.28
C VAL D 151 -5.87 -10.27 32.02
N CYS D 152 -6.35 -9.19 31.38
CA CYS D 152 -7.20 -9.27 30.19
C CYS D 152 -6.65 -8.51 28.99
N HIS D 153 -6.89 -9.02 27.78
CA HIS D 153 -6.46 -8.36 26.56
C HIS D 153 -7.62 -8.38 25.58
N ASN D 154 -8.22 -7.19 25.38
CA ASN D 154 -9.34 -7.03 24.49
C ASN D 154 -10.50 -7.98 24.84
N GLY D 155 -10.92 -7.94 26.10
CA GLY D 155 -12.03 -8.76 26.53
C GLY D 155 -11.71 -10.16 27.00
N VAL D 156 -10.59 -10.72 26.54
CA VAL D 156 -10.18 -12.07 26.92
C VAL D 156 -9.32 -12.12 28.16
N CYS D 157 -9.79 -12.83 29.19
CA CYS D 157 -9.06 -12.96 30.45
C CYS D 157 -8.72 -14.42 30.75
N PRO D 158 -7.44 -14.81 30.60
CA PRO D 158 -7.04 -16.19 30.89
C PRO D 158 -6.90 -16.33 32.37
N VAL D 159 -7.16 -17.55 32.88
CA VAL D 159 -7.06 -17.85 34.31
C VAL D 159 -6.61 -19.29 34.41
N VAL D 160 -5.69 -19.60 35.33
CA VAL D 160 -5.23 -20.97 35.49
C VAL D 160 -5.68 -21.66 36.79
N PHE D 161 -6.24 -22.87 36.63
CA PHE D 161 -6.70 -23.66 37.78
C PHE D 161 -5.90 -24.97 37.88
N THR D 162 -5.97 -25.62 39.04
CA THR D 162 -5.31 -26.89 39.27
C THR D 162 -6.28 -27.71 40.13
N ASP D 163 -6.29 -29.03 39.95
CA ASP D 163 -7.16 -29.91 40.75
C ASP D 163 -6.35 -31.20 40.80
N GLY D 164 -6.09 -31.73 41.99
CA GLY D 164 -5.27 -32.92 42.11
C GLY D 164 -4.33 -32.77 43.30
N SER D 165 -3.45 -33.75 43.55
CA SER D 165 -2.56 -33.65 44.71
C SER D 165 -1.51 -32.55 44.63
N ALA D 166 -1.01 -32.16 45.79
CA ALA D 166 0.03 -31.15 45.86
C ALA D 166 1.33 -31.93 45.66
N THR D 167 1.51 -32.92 46.52
CA THR D 167 2.67 -33.79 46.51
C THR D 167 2.58 -34.83 45.38
N GLY D 168 2.53 -34.36 44.14
CA GLY D 168 2.42 -35.29 43.03
C GLY D 168 1.78 -34.59 41.85
N PRO D 169 1.45 -35.33 40.77
CA PRO D 169 0.84 -34.77 39.56
C PRO D 169 -0.67 -34.47 39.66
N ALA D 170 -1.06 -33.35 39.06
CA ALA D 170 -2.43 -32.90 39.08
C ALA D 170 -2.85 -32.49 37.66
N GLU D 171 -4.11 -32.12 37.49
CA GLU D 171 -4.60 -31.68 36.20
C GLU D 171 -4.79 -30.16 36.24
N THR D 172 -3.88 -29.44 35.61
CA THR D 172 -3.94 -27.99 35.57
C THR D 172 -4.60 -27.62 34.25
N ARG D 173 -5.46 -26.60 34.25
CA ARG D 173 -6.14 -26.15 33.03
C ARG D 173 -6.06 -24.64 32.92
N ILE D 174 -6.13 -24.14 31.70
CA ILE D 174 -6.11 -22.72 31.44
C ILE D 174 -7.40 -22.42 30.72
N TYR D 175 -8.27 -21.62 31.38
CA TYR D 175 -9.56 -21.22 30.83
C TYR D 175 -9.44 -19.82 30.24
N TYR D 176 -10.17 -19.57 29.17
CA TYR D 176 -10.17 -18.28 28.50
C TYR D 176 -11.57 -17.70 28.59
N PHE D 177 -11.76 -16.74 29.49
CA PHE D 177 -13.05 -16.11 29.66
C PHE D 177 -13.22 -14.80 28.84
N LYS D 178 -14.48 -14.41 28.64
CA LYS D 178 -14.85 -13.15 28.00
C LYS D 178 -16.29 -12.87 28.46
N GLU D 179 -16.45 -11.81 29.23
CA GLU D 179 -17.72 -11.42 29.81
C GLU D 179 -18.26 -12.55 30.72
N GLY D 180 -17.33 -13.20 31.41
CA GLY D 180 -17.65 -14.27 32.33
C GLY D 180 -18.04 -15.57 31.67
N LYS D 181 -18.00 -15.60 30.34
CA LYS D 181 -18.35 -16.78 29.57
C LYS D 181 -17.10 -17.46 29.02
N ILE D 182 -17.09 -18.78 29.07
CA ILE D 182 -15.95 -19.56 28.60
C ILE D 182 -15.85 -19.64 27.09
N LEU D 183 -14.71 -19.20 26.57
CA LEU D 183 -14.41 -19.27 25.15
C LEU D 183 -13.74 -20.62 24.90
N LYS D 184 -12.90 -21.05 25.83
CA LYS D 184 -12.22 -22.34 25.71
C LYS D 184 -11.31 -22.62 26.89
N TRP D 185 -10.78 -23.83 26.94
CA TRP D 185 -9.85 -24.22 27.98
C TRP D 185 -8.95 -25.27 27.39
N GLU D 186 -7.75 -25.36 27.94
CA GLU D 186 -6.80 -26.32 27.47
C GLU D 186 -5.93 -26.79 28.59
N PRO D 187 -5.53 -28.06 28.55
CA PRO D 187 -4.68 -28.65 29.58
C PRO D 187 -3.27 -28.07 29.45
N LEU D 188 -2.54 -28.09 30.56
CA LEU D 188 -1.18 -27.55 30.62
C LEU D 188 -0.31 -28.20 29.55
N ALA D 189 0.48 -27.36 28.87
CA ALA D 189 1.40 -27.81 27.84
C ALA D 189 2.80 -27.32 28.21
N GLY D 190 3.82 -27.85 27.55
CA GLY D 190 5.17 -27.43 27.84
C GLY D 190 5.85 -28.39 28.80
N THR D 191 7.02 -28.00 29.28
CA THR D 191 7.84 -28.81 30.18
C THR D 191 7.54 -28.74 31.68
N ALA D 192 6.62 -27.87 32.10
CA ALA D 192 6.30 -27.74 33.54
C ALA D 192 5.67 -29.01 34.15
N LYS D 193 6.19 -29.44 35.30
CA LYS D 193 5.73 -30.66 35.97
C LYS D 193 4.48 -30.48 36.85
N HIS D 194 4.44 -29.39 37.62
CA HIS D 194 3.32 -29.08 38.51
C HIS D 194 3.17 -27.57 38.46
N ILE D 195 1.93 -27.09 38.57
CA ILE D 195 1.65 -25.65 38.57
C ILE D 195 0.65 -25.27 39.68
N GLU D 196 1.06 -24.35 40.55
CA GLU D 196 0.21 -23.89 41.65
C GLU D 196 0.34 -22.40 41.76
N GLU D 197 -0.72 -21.77 42.27
CA GLU D 197 -0.77 -20.33 42.56
C GLU D 197 -0.02 -19.38 41.66
N CYS D 198 -0.45 -19.21 40.41
CA CYS D 198 0.26 -18.31 39.49
C CYS D 198 0.15 -16.80 39.72
N SER D 199 1.28 -16.09 39.55
CA SER D 199 1.33 -14.63 39.69
C SER D 199 1.57 -14.17 38.26
N CYS D 200 0.69 -13.33 37.74
CA CYS D 200 0.73 -12.89 36.36
C CYS D 200 0.72 -11.39 36.11
N TYR D 201 1.28 -11.00 34.95
CA TYR D 201 1.33 -9.60 34.50
C TYR D 201 1.30 -9.66 32.97
N GLY D 202 0.96 -8.56 32.32
CA GLY D 202 0.91 -8.56 30.87
C GLY D 202 1.61 -7.34 30.27
N GLU D 203 2.09 -7.49 29.04
CA GLU D 203 2.80 -6.43 28.33
C GLU D 203 2.91 -6.82 26.85
N ARG D 204 2.72 -5.87 25.95
CA ARG D 204 2.78 -6.12 24.51
C ARG D 204 2.02 -7.36 24.02
N ALA D 205 0.71 -7.38 24.24
CA ALA D 205 -0.15 -8.48 23.82
C ALA D 205 0.25 -9.87 24.32
N GLU D 206 0.99 -9.93 25.42
CA GLU D 206 1.42 -11.21 25.97
C GLU D 206 1.34 -11.22 27.50
N ILE D 207 0.96 -12.36 28.06
CA ILE D 207 0.78 -12.53 29.49
C ILE D 207 1.76 -13.56 30.02
N THR D 208 2.45 -13.23 31.10
CA THR D 208 3.47 -14.09 31.67
C THR D 208 3.18 -14.32 33.12
N CYS D 209 3.11 -15.59 33.53
CA CYS D 209 2.85 -15.98 34.92
C CYS D 209 3.98 -16.81 35.55
N THR D 210 4.40 -16.46 36.76
CA THR D 210 5.42 -17.18 37.50
C THR D 210 4.62 -17.95 38.54
N CYS D 211 4.84 -19.25 38.67
CA CYS D 211 4.03 -20.07 39.59
C CYS D 211 4.86 -20.86 40.62
N ARG D 212 4.24 -21.87 41.23
CA ARG D 212 4.86 -22.69 42.32
C ARG D 212 4.81 -24.18 42.01
N ASP D 213 5.95 -24.86 42.14
CA ASP D 213 6.06 -26.29 41.83
C ASP D 213 5.74 -27.22 42.99
N ASN D 214 5.71 -26.67 44.21
CA ASN D 214 5.45 -27.46 45.42
C ASN D 214 6.14 -28.82 45.44
N TRP D 215 5.51 -29.78 44.77
CA TRP D 215 5.99 -31.14 44.65
C TRP D 215 7.50 -31.29 44.60
N GLN D 216 8.16 -30.52 43.75
CA GLN D 216 9.61 -30.65 43.59
C GLN D 216 10.45 -29.38 43.38
N GLY D 217 10.10 -28.61 42.35
CA GLY D 217 10.83 -27.41 41.99
C GLY D 217 11.06 -26.30 43.00
N SER D 218 12.35 -26.06 43.27
CA SER D 218 12.78 -24.99 44.16
C SER D 218 13.08 -23.76 43.28
N ASN D 219 13.16 -24.02 41.97
CA ASN D 219 13.32 -22.98 40.95
C ASN D 219 11.88 -22.95 40.42
N ARG D 220 11.40 -21.80 39.95
CA ARG D 220 10.00 -21.70 39.54
C ARG D 220 9.56 -21.98 38.12
N PRO D 221 8.34 -22.55 37.96
CA PRO D 221 7.79 -22.84 36.63
C PRO D 221 7.16 -21.52 36.12
N VAL D 222 7.30 -21.26 34.82
CA VAL D 222 6.82 -20.05 34.16
C VAL D 222 5.89 -20.43 33.00
N ILE D 223 4.77 -19.72 32.86
CA ILE D 223 3.82 -19.97 31.76
C ILE D 223 3.67 -18.70 30.90
N ARG D 224 3.64 -18.85 29.58
CA ARG D 224 3.46 -17.71 28.70
C ARG D 224 2.20 -17.95 27.84
N ILE D 225 1.21 -17.07 27.98
CA ILE D 225 -0.07 -17.17 27.30
C ILE D 225 -0.28 -16.08 26.24
N ASP D 226 -0.78 -16.46 25.07
CA ASP D 226 -1.06 -15.53 23.98
C ASP D 226 -2.58 -15.36 24.00
N PRO D 227 -3.08 -14.23 24.55
CA PRO D 227 -4.52 -13.99 24.64
C PRO D 227 -5.27 -13.82 23.32
N VAL D 228 -4.54 -13.60 22.23
CA VAL D 228 -5.19 -13.40 20.93
C VAL D 228 -5.41 -14.70 20.22
N ALA D 229 -4.39 -15.55 20.25
CA ALA D 229 -4.50 -16.86 19.62
C ALA D 229 -5.10 -17.88 20.57
N MET D 230 -5.03 -17.60 21.87
CA MET D 230 -5.53 -18.47 22.92
C MET D 230 -4.70 -19.75 23.11
N THR D 231 -3.38 -19.58 23.10
CA THR D 231 -2.43 -20.67 23.29
C THR D 231 -1.39 -20.27 24.32
N HIS D 232 -0.62 -21.25 24.79
CA HIS D 232 0.41 -21.04 25.80
C HIS D 232 1.49 -22.13 25.75
N THR D 233 2.50 -21.93 26.60
CA THR D 233 3.59 -22.86 26.73
C THR D 233 4.10 -22.67 28.15
N SER D 234 5.03 -23.54 28.56
CA SER D 234 5.61 -23.45 29.89
C SER D 234 7.05 -23.94 29.88
N GLN D 235 7.83 -23.53 30.88
CA GLN D 235 9.22 -23.91 31.05
C GLN D 235 9.59 -23.54 32.46
N TYR D 236 10.88 -23.64 32.81
CA TYR D 236 11.36 -23.28 34.15
C TYR D 236 12.35 -22.14 34.03
N ILE D 237 12.66 -21.49 35.15
CA ILE D 237 13.63 -20.42 35.12
C ILE D 237 15.02 -21.07 35.27
N CYS D 238 15.92 -20.72 34.36
CA CYS D 238 17.26 -21.27 34.37
C CYS D 238 18.21 -20.84 35.49
N SER D 239 18.13 -19.58 35.89
CA SER D 239 19.03 -19.05 36.93
C SER D 239 19.22 -19.92 38.15
N PRO D 240 20.47 -19.97 38.69
CA PRO D 240 20.79 -20.75 39.89
C PRO D 240 20.39 -20.03 41.20
N VAL D 241 19.86 -18.82 41.07
CA VAL D 241 19.37 -18.03 42.20
C VAL D 241 17.96 -18.57 42.50
N LEU D 242 17.87 -19.57 43.38
CA LEU D 242 16.57 -20.19 43.66
C LEU D 242 15.61 -19.22 44.38
N THR D 243 14.31 -19.34 44.13
CA THR D 243 13.35 -18.44 44.72
C THR D 243 12.08 -19.04 45.34
N ASP D 244 12.11 -20.30 45.75
CA ASP D 244 10.94 -20.89 46.38
C ASP D 244 11.29 -20.97 47.84
N ASN D 245 10.47 -21.63 48.66
CA ASN D 245 10.76 -21.73 50.10
C ASN D 245 9.88 -22.80 50.74
N PRO D 246 10.48 -23.80 51.41
CA PRO D 246 11.91 -24.05 51.65
C PRO D 246 12.64 -24.33 50.35
N ARG D 247 13.97 -24.26 50.39
CA ARG D 247 14.77 -24.48 49.19
C ARG D 247 16.21 -24.75 49.57
N PRO D 248 16.97 -25.41 48.68
CA PRO D 248 18.38 -25.65 49.04
C PRO D 248 19.22 -24.38 48.81
N ASN D 249 20.47 -24.37 49.25
CA ASN D 249 21.30 -23.21 49.04
C ASN D 249 21.60 -23.05 47.56
N ASP D 250 21.84 -21.81 47.13
CA ASP D 250 22.12 -21.50 45.74
C ASP D 250 23.28 -22.27 45.12
N PRO D 251 23.01 -23.00 44.02
CA PRO D 251 24.00 -23.76 43.27
C PRO D 251 24.74 -22.80 42.33
N THR D 252 25.73 -23.28 41.59
CA THR D 252 26.47 -22.43 40.68
C THR D 252 25.90 -22.45 39.27
N VAL D 253 25.18 -23.53 38.95
CA VAL D 253 24.54 -23.71 37.65
C VAL D 253 23.12 -24.28 37.90
N GLY D 254 22.11 -23.72 37.24
CA GLY D 254 20.74 -24.17 37.43
C GLY D 254 20.18 -25.15 36.40
N LYS D 255 18.85 -25.27 36.33
CA LYS D 255 18.20 -26.19 35.39
C LYS D 255 17.05 -25.48 34.73
N CYS D 256 16.99 -25.56 33.41
CA CYS D 256 15.97 -24.90 32.60
C CYS D 256 14.64 -25.59 32.35
N ASN D 257 14.63 -26.91 32.27
CA ASN D 257 13.37 -27.61 32.03
C ASN D 257 13.14 -28.78 32.94
N ASP D 258 13.69 -28.66 34.14
CA ASP D 258 13.55 -29.64 35.19
C ASP D 258 13.55 -28.82 36.46
N PRO D 259 12.79 -29.27 37.47
CA PRO D 259 12.72 -28.55 38.76
C PRO D 259 14.03 -28.72 39.55
N TYR D 260 14.21 -27.94 40.62
CA TYR D 260 15.43 -28.08 41.37
C TYR D 260 15.32 -28.95 42.63
N PRO D 261 16.20 -29.98 42.70
CA PRO D 261 16.30 -30.96 43.79
C PRO D 261 16.59 -30.34 45.16
N GLY D 262 16.93 -31.19 46.13
CA GLY D 262 17.22 -30.72 47.47
C GLY D 262 15.98 -30.74 48.35
N ASN D 263 14.99 -29.91 48.01
CA ASN D 263 13.74 -29.84 48.75
C ASN D 263 12.53 -30.10 47.84
N ASN D 264 11.54 -30.79 48.39
CA ASN D 264 10.34 -31.15 47.65
C ASN D 264 9.06 -31.32 48.49
N ASN D 265 7.93 -31.07 47.83
CA ASN D 265 6.59 -31.19 48.40
C ASN D 265 6.08 -30.14 49.38
N ASN D 266 6.46 -28.88 49.13
CA ASN D 266 6.05 -27.74 49.94
C ASN D 266 6.58 -26.49 49.25
N GLY D 267 6.02 -25.33 49.57
CA GLY D 267 6.50 -24.12 48.94
C GLY D 267 5.75 -22.89 49.38
N VAL D 268 5.85 -21.83 48.60
CA VAL D 268 5.17 -20.58 48.89
C VAL D 268 4.95 -19.88 47.54
N LYS D 269 3.91 -19.06 47.44
CA LYS D 269 3.56 -18.31 46.23
C LYS D 269 4.50 -17.12 46.02
N GLY D 270 4.91 -16.89 44.78
CA GLY D 270 5.82 -15.79 44.49
C GLY D 270 5.65 -15.21 43.10
N PHE D 271 6.61 -14.39 42.66
CA PHE D 271 6.53 -13.75 41.34
C PHE D 271 7.93 -13.32 40.79
N SER D 272 7.95 -12.76 39.58
CA SER D 272 9.19 -12.24 38.96
C SER D 272 8.74 -11.41 37.76
N TYR D 273 9.65 -10.57 37.26
CA TYR D 273 9.39 -9.75 36.07
C TYR D 273 10.53 -10.13 35.11
N LEU D 274 10.20 -10.92 34.10
CA LEU D 274 11.20 -11.41 33.15
C LEU D 274 11.18 -10.56 31.91
N ASP D 275 12.20 -9.72 31.75
CA ASP D 275 12.28 -8.78 30.63
C ASP D 275 13.69 -8.55 30.09
N GLY D 276 14.45 -9.63 29.91
CA GLY D 276 15.81 -9.51 29.42
C GLY D 276 16.73 -9.12 30.54
N VAL D 277 17.51 -8.05 30.35
CA VAL D 277 18.42 -7.61 31.41
C VAL D 277 17.61 -6.89 32.49
N ASN D 278 16.39 -6.46 32.13
CA ASN D 278 15.47 -5.77 33.03
C ASN D 278 14.67 -6.85 33.78
N THR D 279 15.37 -7.82 34.36
CA THR D 279 14.74 -8.92 35.08
C THR D 279 14.99 -8.85 36.61
N TRP D 280 13.90 -8.98 37.39
CA TRP D 280 13.95 -8.93 38.85
C TRP D 280 13.17 -10.09 39.47
N LEU D 281 13.82 -10.83 40.37
CA LEU D 281 13.21 -11.97 41.07
C LEU D 281 13.08 -11.59 42.54
N GLY D 282 12.06 -12.12 43.21
CA GLY D 282 11.89 -11.82 44.61
C GLY D 282 11.93 -13.12 45.36
N ARG D 283 12.41 -13.10 46.59
CA ARG D 283 12.49 -14.31 47.40
C ARG D 283 12.63 -14.02 48.89
N THR D 284 12.35 -15.02 49.73
CA THR D 284 12.52 -14.87 51.16
C THR D 284 14.03 -14.97 51.48
N ILE D 285 14.46 -14.41 52.60
CA ILE D 285 15.85 -14.45 52.98
C ILE D 285 16.24 -15.79 53.61
N SER D 286 15.32 -16.46 54.26
CA SER D 286 15.63 -17.75 54.87
C SER D 286 15.31 -18.86 53.92
N ILE D 287 16.09 -19.95 54.00
CA ILE D 287 15.86 -21.12 53.15
C ILE D 287 14.98 -22.10 53.89
N ALA D 288 14.78 -21.88 55.18
CA ALA D 288 13.96 -22.77 55.99
C ALA D 288 12.55 -22.28 56.22
N SER D 289 12.39 -21.00 56.58
CA SER D 289 11.06 -20.44 56.85
C SER D 289 10.71 -19.16 56.07
N ARG D 290 9.48 -18.68 56.22
CA ARG D 290 9.04 -17.45 55.52
C ARG D 290 9.39 -16.19 56.31
N SER D 291 10.69 -15.90 56.38
CA SER D 291 11.27 -14.73 57.05
C SER D 291 12.01 -13.89 56.00
N GLY D 292 11.93 -12.57 56.10
CA GLY D 292 12.62 -11.70 55.17
C GLY D 292 12.07 -11.69 53.76
N TYR D 293 12.48 -10.68 53.00
CA TYR D 293 12.07 -10.57 51.61
C TYR D 293 12.98 -9.62 50.88
N GLU D 294 13.48 -10.05 49.73
CA GLU D 294 14.41 -9.23 48.97
C GLU D 294 14.17 -9.35 47.50
N MET D 295 14.50 -8.28 46.77
CA MET D 295 14.38 -8.23 45.31
C MET D 295 15.80 -8.28 44.80
N LEU D 296 16.02 -8.97 43.70
CA LEU D 296 17.35 -9.11 43.11
C LEU D 296 17.29 -8.98 41.59
N LYS D 297 18.17 -8.14 41.03
CA LYS D 297 18.26 -7.98 39.59
C LYS D 297 19.20 -9.04 39.04
N VAL D 298 18.64 -10.02 38.34
CA VAL D 298 19.39 -11.11 37.77
C VAL D 298 19.08 -11.12 36.29
N PRO D 299 19.86 -10.40 35.49
CA PRO D 299 19.72 -10.28 34.03
C PRO D 299 19.57 -11.63 33.31
N ASN D 300 18.56 -11.73 32.47
CA ASN D 300 18.27 -12.93 31.69
C ASN D 300 18.07 -14.19 32.50
N ALA D 301 17.51 -14.04 33.69
CA ALA D 301 17.26 -15.19 34.57
C ALA D 301 16.52 -16.35 33.94
N LEU D 302 15.66 -16.05 32.98
CA LEU D 302 14.87 -17.09 32.33
C LEU D 302 15.67 -18.03 31.46
N THR D 303 16.47 -17.46 30.56
CA THR D 303 17.31 -18.16 29.57
C THR D 303 18.77 -18.48 29.91
N ASP D 304 19.32 -17.84 30.95
CA ASP D 304 20.73 -18.02 31.35
C ASP D 304 20.90 -18.83 32.63
N ASP D 305 21.48 -20.02 32.50
CA ASP D 305 21.67 -20.92 33.62
C ASP D 305 22.89 -20.72 34.51
N LYS D 306 23.48 -19.55 34.46
CA LYS D 306 24.63 -19.22 35.30
C LYS D 306 24.52 -17.77 35.76
N SER D 307 23.33 -17.18 35.59
CA SER D 307 23.08 -15.80 35.98
C SER D 307 23.08 -15.61 37.51
N LYS D 308 23.66 -14.50 37.95
CA LYS D 308 23.77 -14.15 39.36
C LYS D 308 23.39 -12.66 39.51
N PRO D 309 23.09 -12.21 40.74
CA PRO D 309 22.69 -10.85 41.09
C PRO D 309 23.66 -9.77 40.64
N THR D 310 23.08 -8.68 40.19
CA THR D 310 23.75 -7.51 39.70
C THR D 310 23.42 -6.25 40.50
N GLN D 311 22.34 -6.33 41.29
CA GLN D 311 21.90 -5.20 42.10
C GLN D 311 20.81 -5.79 42.97
N GLY D 312 20.47 -5.12 44.07
CA GLY D 312 19.44 -5.62 44.95
C GLY D 312 18.75 -4.58 45.82
N GLN D 313 17.75 -5.02 46.58
CA GLN D 313 16.98 -4.18 47.49
C GLN D 313 16.28 -5.11 48.49
N THR D 314 16.46 -4.81 49.77
CA THR D 314 15.87 -5.59 50.87
C THR D 314 14.58 -4.91 51.24
N ILE D 315 13.53 -5.71 51.37
CA ILE D 315 12.20 -5.22 51.70
C ILE D 315 11.84 -5.45 53.18
N VAL D 316 12.08 -6.65 53.69
CA VAL D 316 11.79 -7.04 55.07
C VAL D 316 13.05 -7.78 55.58
N LEU D 317 13.56 -7.41 56.75
CA LEU D 317 14.76 -8.04 57.28
C LEU D 317 14.49 -9.50 57.64
N ASN D 318 15.58 -10.26 57.80
CA ASN D 318 15.50 -11.68 58.11
C ASN D 318 14.80 -12.00 59.41
N THR D 319 14.77 -11.04 60.33
CA THR D 319 14.13 -11.26 61.62
C THR D 319 12.61 -11.17 61.54
N ASP D 320 12.10 -10.49 60.51
CA ASP D 320 10.67 -10.30 60.34
C ASP D 320 9.95 -11.29 59.42
N TRP D 321 8.80 -11.74 59.88
CA TRP D 321 7.97 -12.70 59.16
C TRP D 321 7.35 -12.12 57.90
N SER D 322 7.31 -12.89 56.81
CA SER D 322 6.68 -12.50 55.54
C SER D 322 5.74 -13.65 55.11
N GLY D 323 5.56 -13.90 53.82
CA GLY D 323 4.68 -14.97 53.37
C GLY D 323 4.53 -14.95 51.86
N TYR D 324 3.30 -15.04 51.36
CA TYR D 324 3.02 -15.01 49.92
C TYR D 324 3.38 -13.65 49.31
N SER D 325 3.61 -13.60 48.01
CA SER D 325 3.91 -12.34 47.33
C SER D 325 3.45 -12.53 45.90
N GLY D 326 3.06 -11.45 45.23
CA GLY D 326 2.56 -11.58 43.87
C GLY D 326 2.67 -10.28 43.08
N SER D 327 2.16 -10.30 41.85
CA SER D 327 2.26 -9.12 41.01
C SER D 327 0.95 -8.48 40.55
N PHE D 328 1.03 -7.19 40.21
CA PHE D 328 -0.07 -6.41 39.67
C PHE D 328 0.54 -5.18 38.98
N MET D 329 -0.25 -4.48 38.17
CA MET D 329 0.19 -3.24 37.54
C MET D 329 -1.11 -2.47 37.29
N ASP D 330 -1.01 -1.15 37.21
CA ASP D 330 -2.15 -0.27 36.97
C ASP D 330 -2.14 -0.04 35.47
N TYR D 331 -2.78 -0.93 34.73
CA TYR D 331 -2.83 -0.80 33.29
C TYR D 331 -3.51 0.46 32.76
N TRP D 332 -4.07 1.29 33.62
CA TRP D 332 -4.76 2.50 33.14
C TRP D 332 -4.08 3.83 33.50
N ALA D 333 -2.84 3.73 33.96
CA ALA D 333 -2.07 4.92 34.33
C ALA D 333 -1.58 5.64 33.08
N GLU D 334 -1.28 6.94 33.21
CA GLU D 334 -0.79 7.73 32.08
C GLU D 334 0.69 7.41 31.91
N GLY D 335 1.18 7.43 30.68
CA GLY D 335 2.59 7.15 30.50
C GLY D 335 2.93 6.37 29.25
N GLU D 336 4.21 6.23 29.00
CA GLU D 336 4.67 5.54 27.82
C GLU D 336 4.94 4.07 28.04
N CYS D 337 4.97 3.63 29.30
CA CYS D 337 5.24 2.23 29.61
C CYS D 337 4.50 1.81 30.88
N TYR D 338 4.49 0.50 31.18
CA TYR D 338 3.85 -0.03 32.37
C TYR D 338 4.88 -0.10 33.52
N ARG D 339 4.46 0.35 34.70
CA ARG D 339 5.31 0.36 35.88
C ARG D 339 5.02 -0.96 36.65
N ALA D 340 6.06 -1.72 36.92
CA ALA D 340 5.91 -2.98 37.62
C ALA D 340 5.61 -2.70 39.05
N CYS D 341 4.81 -3.56 39.69
CA CYS D 341 4.45 -3.44 41.12
C CYS D 341 4.30 -4.84 41.72
N PHE D 342 4.29 -4.94 43.05
CA PHE D 342 4.06 -6.22 43.73
C PHE D 342 3.69 -5.95 45.20
N TYR D 343 3.27 -7.01 45.90
CA TYR D 343 2.91 -6.95 47.34
C TYR D 343 3.54 -8.17 48.07
N VAL D 344 3.61 -8.07 49.40
CA VAL D 344 4.14 -9.15 50.24
C VAL D 344 3.20 -9.23 51.43
N GLU D 345 2.82 -10.45 51.80
CA GLU D 345 1.93 -10.72 52.91
C GLU D 345 2.78 -10.90 54.16
N LEU D 346 2.50 -10.15 55.24
CA LEU D 346 3.26 -10.27 56.47
C LEU D 346 2.42 -11.00 57.51
N ILE D 347 2.63 -12.31 57.61
CA ILE D 347 1.92 -13.19 58.52
C ILE D 347 2.33 -13.06 59.97
N ARG D 348 1.36 -13.02 60.87
CA ARG D 348 1.65 -12.95 62.31
C ARG D 348 0.79 -14.02 62.99
N GLY D 349 1.28 -14.56 64.10
CA GLY D 349 0.53 -15.58 64.81
C GLY D 349 1.03 -16.99 64.57
N ARG D 350 0.13 -17.97 64.71
CA ARG D 350 0.53 -19.36 64.49
C ARG D 350 0.88 -19.56 63.01
N PRO D 351 1.80 -20.49 62.72
CA PRO D 351 2.54 -21.37 63.63
C PRO D 351 3.81 -20.86 64.30
N LYS D 352 4.45 -19.86 63.72
CA LYS D 352 5.69 -19.33 64.26
C LYS D 352 5.63 -18.63 65.61
N GLU D 353 4.52 -17.95 65.89
CA GLU D 353 4.31 -17.22 67.15
C GLU D 353 3.12 -17.92 67.82
N ASP D 354 3.40 -18.94 68.63
CA ASP D 354 2.32 -19.71 69.26
C ASP D 354 1.77 -19.26 70.59
N LYS D 355 2.13 -18.05 71.02
CA LYS D 355 1.60 -17.52 72.26
C LYS D 355 0.17 -17.07 72.00
N VAL D 356 -0.18 -16.86 70.74
CA VAL D 356 -1.54 -16.51 70.38
C VAL D 356 -2.17 -17.72 69.70
N TRP D 357 -3.50 -17.70 69.57
CA TRP D 357 -4.21 -18.80 68.93
C TRP D 357 -4.74 -18.51 67.53
N TRP D 358 -4.44 -17.33 66.99
CA TRP D 358 -4.90 -16.96 65.66
C TRP D 358 -3.78 -16.84 64.66
N THR D 359 -4.16 -16.57 63.40
CA THR D 359 -3.23 -16.37 62.29
C THR D 359 -3.82 -15.26 61.40
N SER D 360 -3.05 -14.23 61.10
CA SER D 360 -3.52 -13.14 60.26
C SER D 360 -2.33 -12.55 59.51
N ASN D 361 -2.46 -11.35 58.94
CA ASN D 361 -1.35 -10.76 58.19
C ASN D 361 -1.64 -9.30 57.87
N SER D 362 -0.62 -8.57 57.42
CA SER D 362 -0.78 -7.19 56.93
C SER D 362 -0.21 -7.17 55.51
N ILE D 363 -0.16 -6.02 54.88
CA ILE D 363 0.33 -5.94 53.52
C ILE D 363 1.29 -4.79 53.32
N VAL D 364 2.34 -5.02 52.53
CA VAL D 364 3.29 -3.98 52.13
C VAL D 364 3.32 -4.11 50.60
N SER D 365 3.27 -2.97 49.90
CA SER D 365 3.22 -2.97 48.45
C SER D 365 4.20 -1.93 47.89
N MET D 366 4.85 -2.22 46.76
CA MET D 366 5.84 -1.31 46.17
C MET D 366 5.73 -1.39 44.68
N CYS D 367 6.19 -0.34 43.98
CA CYS D 367 6.21 -0.27 42.52
C CYS D 367 7.59 0.22 42.08
N SER D 368 7.92 0.06 40.81
CA SER D 368 9.24 0.43 40.32
C SER D 368 9.48 1.90 40.00
N SER D 369 10.77 2.27 40.07
CA SER D 369 11.18 3.64 39.80
C SER D 369 12.35 3.55 38.78
N THR D 370 12.52 4.59 37.95
CA THR D 370 13.63 4.62 36.99
C THR D 370 14.82 5.25 37.67
N GLU D 371 14.59 5.75 38.88
CA GLU D 371 15.60 6.37 39.71
C GLU D 371 16.29 5.29 40.54
N PHE D 372 17.33 5.67 41.28
CA PHE D 372 18.02 4.75 42.16
C PHE D 372 17.75 5.31 43.56
N LEU D 373 16.67 4.86 44.17
CA LEU D 373 16.25 5.34 45.49
C LEU D 373 16.84 4.55 46.63
N GLY D 374 17.01 5.21 47.78
CA GLY D 374 17.57 4.54 48.94
C GLY D 374 16.51 3.63 49.55
N GLN D 375 16.94 2.55 50.19
CA GLN D 375 16.01 1.59 50.78
C GLN D 375 15.72 1.69 52.29
N TRP D 376 14.62 1.06 52.70
CA TRP D 376 14.19 0.96 54.10
C TRP D 376 13.58 -0.45 54.19
N ASP D 377 13.34 -0.94 55.40
CA ASP D 377 12.73 -2.26 55.57
C ASP D 377 11.30 -2.03 56.09
N TRP D 378 10.33 -2.84 55.64
CA TRP D 378 8.92 -2.65 56.01
C TRP D 378 8.29 -3.81 56.74
N PRO D 379 8.44 -3.87 58.05
CA PRO D 379 7.84 -4.99 58.78
C PRO D 379 6.38 -4.75 59.15
N ASP D 380 5.77 -5.77 59.75
CA ASP D 380 4.38 -5.67 60.19
C ASP D 380 4.17 -4.56 61.24
N GLY D 381 5.00 -4.52 62.28
CA GLY D 381 4.87 -3.48 63.29
C GLY D 381 4.10 -3.79 64.59
N ALA D 382 3.46 -4.95 64.69
CA ALA D 382 2.70 -5.27 65.89
C ALA D 382 3.53 -5.99 66.95
N LYS D 383 3.26 -5.72 68.23
CA LYS D 383 3.96 -6.36 69.33
C LYS D 383 3.02 -7.45 69.81
N ILE D 384 3.39 -8.68 69.56
CA ILE D 384 2.57 -9.83 69.92
C ILE D 384 2.19 -9.90 71.42
N GLU D 385 3.09 -9.44 72.29
CA GLU D 385 2.82 -9.48 73.72
C GLU D 385 1.57 -8.70 74.12
N TYR D 386 1.22 -7.69 73.34
CA TYR D 386 0.02 -6.89 73.60
C TYR D 386 -1.29 -7.67 73.44
N PHE D 387 -1.22 -8.80 72.74
CA PHE D 387 -2.41 -9.62 72.50
C PHE D 387 -2.65 -10.68 73.57
N LEU D 388 -1.70 -10.84 74.49
CA LEU D 388 -1.82 -11.80 75.57
C LEU D 388 -2.65 -11.19 76.73
N GLN E 1 36.35 -13.91 73.25
CA GLN E 1 36.46 -15.10 72.35
C GLN E 1 35.19 -15.94 72.52
N VAL E 2 34.72 -16.51 71.41
CA VAL E 2 33.52 -17.34 71.43
C VAL E 2 33.70 -18.54 72.34
N GLN E 3 32.73 -18.79 73.20
CA GLN E 3 32.81 -19.92 74.10
C GLN E 3 31.40 -20.43 74.41
N LEU E 4 31.20 -21.73 74.25
CA LEU E 4 29.88 -22.32 74.50
C LEU E 4 30.08 -23.37 75.56
N GLN E 5 29.55 -23.14 76.77
CA GLN E 5 29.69 -24.10 77.86
C GLN E 5 28.38 -24.82 78.22
N GLN E 6 28.40 -26.16 78.20
CA GLN E 6 27.21 -26.99 78.46
C GLN E 6 27.07 -27.56 79.87
N SER E 7 25.87 -28.03 80.21
CA SER E 7 25.62 -28.59 81.54
C SER E 7 26.32 -29.94 81.75
N GLY E 8 26.20 -30.49 82.96
CA GLY E 8 26.84 -31.76 83.28
C GLY E 8 26.07 -33.00 82.86
N ALA E 9 26.72 -34.15 83.03
CA ALA E 9 26.18 -35.44 82.67
C ALA E 9 24.91 -35.76 83.43
N GLU E 10 23.98 -36.43 82.74
CA GLU E 10 22.72 -36.80 83.33
C GLU E 10 22.59 -38.30 83.42
N LEU E 11 22.22 -38.80 84.59
CA LEU E 11 22.03 -40.23 84.77
C LEU E 11 20.53 -40.28 85.01
N VAL E 12 19.81 -40.91 84.09
CA VAL E 12 18.36 -40.94 84.19
C VAL E 12 17.73 -42.31 83.98
N LYS E 13 16.51 -42.45 84.50
CA LYS E 13 15.76 -43.69 84.36
C LYS E 13 14.81 -43.58 83.16
N PRO E 14 14.46 -44.71 82.54
CA PRO E 14 13.56 -44.73 81.40
C PRO E 14 12.24 -44.03 81.70
N GLY E 15 11.78 -43.24 80.75
CA GLY E 15 10.52 -42.54 80.92
C GLY E 15 10.68 -41.13 81.46
N ALA E 16 11.90 -40.75 81.81
CA ALA E 16 12.11 -39.41 82.32
C ALA E 16 12.36 -38.45 81.17
N SER E 17 12.46 -37.16 81.51
CA SER E 17 12.72 -36.10 80.55
C SER E 17 13.89 -35.35 81.15
N VAL E 18 14.69 -34.72 80.32
CA VAL E 18 15.85 -34.00 80.81
C VAL E 18 15.94 -32.68 80.08
N ARG E 19 16.62 -31.70 80.65
CA ARG E 19 16.77 -30.40 80.02
C ARG E 19 18.18 -29.92 80.22
N MET E 20 18.92 -29.78 79.13
CA MET E 20 20.30 -29.36 79.19
C MET E 20 20.49 -27.95 78.61
N SER E 21 21.58 -27.30 79.00
CA SER E 21 21.87 -25.94 78.55
C SER E 21 23.22 -25.74 77.82
N CYS E 22 23.33 -24.62 77.14
CA CYS E 22 24.51 -24.26 76.38
C CYS E 22 24.63 -22.75 76.58
N LYS E 23 25.56 -22.33 77.44
CA LYS E 23 25.75 -20.91 77.76
C LYS E 23 26.74 -20.31 76.78
N ALA E 24 26.26 -19.30 76.07
CA ALA E 24 27.06 -18.62 75.05
C ALA E 24 27.80 -17.42 75.61
N SER E 25 28.91 -17.09 74.95
CA SER E 25 29.74 -15.95 75.33
C SER E 25 30.74 -15.56 74.24
N GLY E 26 31.08 -14.28 74.23
CA GLY E 26 32.04 -13.75 73.28
C GLY E 26 31.49 -13.34 71.94
N TYR E 27 30.16 -13.31 71.82
CA TYR E 27 29.53 -12.92 70.57
C TYR E 27 28.08 -12.52 70.84
N THR E 28 27.45 -11.88 69.85
CA THR E 28 26.06 -11.43 69.94
C THR E 28 25.11 -12.57 69.67
N PHE E 29 24.67 -13.20 70.75
CA PHE E 29 23.76 -14.35 70.76
C PHE E 29 22.60 -14.28 69.77
N THR E 30 21.95 -13.12 69.66
CA THR E 30 20.81 -12.96 68.78
C THR E 30 21.10 -12.96 67.28
N ASN E 31 22.37 -12.97 66.89
CA ASN E 31 22.66 -12.96 65.46
C ASN E 31 23.05 -14.30 64.83
N TYR E 32 23.09 -15.37 65.64
CA TYR E 32 23.50 -16.67 65.11
C TYR E 32 22.54 -17.82 65.35
N ASN E 33 22.42 -18.71 64.35
CA ASN E 33 21.61 -19.91 64.50
C ASN E 33 22.36 -20.78 65.53
N MET E 34 21.63 -21.52 66.35
CA MET E 34 22.26 -22.39 67.34
C MET E 34 21.81 -23.77 66.91
N TYR E 35 22.75 -24.66 66.59
CA TYR E 35 22.38 -26.02 66.15
C TYR E 35 22.61 -27.02 67.25
N TRP E 36 21.94 -28.16 67.18
CA TRP E 36 22.13 -29.23 68.16
C TRP E 36 22.43 -30.53 67.39
N VAL E 37 23.36 -31.31 67.91
CA VAL E 37 23.80 -32.56 67.29
C VAL E 37 23.84 -33.72 68.30
N LYS E 38 23.63 -34.93 67.81
CA LYS E 38 23.68 -36.12 68.65
C LYS E 38 24.75 -37.11 68.14
N GLN E 39 25.53 -37.66 69.06
CA GLN E 39 26.58 -38.61 68.74
C GLN E 39 26.42 -39.87 69.59
N SER E 40 26.29 -41.00 68.93
CA SER E 40 26.07 -42.28 69.61
C SER E 40 26.81 -43.45 68.97
N PRO E 41 26.88 -44.59 69.68
CA PRO E 41 27.55 -45.77 69.16
C PRO E 41 26.63 -46.35 68.07
N GLY E 42 27.21 -46.74 66.95
CA GLY E 42 26.40 -47.31 65.89
C GLY E 42 25.24 -46.43 65.47
N GLN E 43 25.58 -45.24 64.98
CA GLN E 43 24.60 -44.26 64.53
C GLN E 43 25.35 -43.01 64.08
N GLY E 44 26.39 -42.66 64.83
CA GLY E 44 27.22 -41.52 64.49
C GLY E 44 26.67 -40.16 64.84
N LEU E 45 27.05 -39.16 64.04
CA LEU E 45 26.62 -37.77 64.22
C LEU E 45 25.32 -37.46 63.48
N GLU E 46 24.34 -36.92 64.22
CA GLU E 46 23.03 -36.57 63.63
C GLU E 46 22.63 -35.16 64.03
N TRP E 47 22.15 -34.40 63.07
CA TRP E 47 21.69 -33.04 63.32
C TRP E 47 20.28 -33.17 63.94
N ILE E 48 20.02 -32.43 65.02
CA ILE E 48 18.71 -32.49 65.66
C ILE E 48 17.75 -31.38 65.18
N GLY E 49 18.17 -30.14 65.30
CA GLY E 49 17.33 -29.04 64.86
C GLY E 49 18.04 -27.72 64.95
N ILE E 50 17.29 -26.63 64.85
CA ILE E 50 17.86 -25.29 64.92
C ILE E 50 16.91 -24.31 65.63
N PHE E 51 17.51 -23.39 66.38
CA PHE E 51 16.79 -22.34 67.11
C PHE E 51 17.57 -21.04 66.86
N TYR E 52 16.88 -19.99 66.39
CA TYR E 52 17.50 -18.70 66.12
C TYR E 52 16.91 -17.71 67.15
N PRO E 53 17.68 -17.35 68.20
CA PRO E 53 17.23 -16.42 69.25
C PRO E 53 16.85 -15.03 68.78
N GLY E 54 17.18 -14.73 67.53
CA GLY E 54 16.83 -13.43 66.98
C GLY E 54 15.33 -13.25 66.93
N ASN E 55 14.59 -14.25 66.43
CA ASN E 55 13.13 -14.16 66.35
C ASN E 55 12.39 -15.38 66.89
N GLY E 56 13.14 -16.40 67.30
CA GLY E 56 12.56 -17.59 67.88
C GLY E 56 12.21 -18.70 66.90
N ASP E 57 12.70 -18.59 65.68
CA ASP E 57 12.43 -19.60 64.67
C ASP E 57 13.08 -20.92 65.06
N THR E 58 12.48 -22.02 64.64
CA THR E 58 13.02 -23.36 64.89
C THR E 58 12.65 -24.30 63.74
N SER E 59 13.40 -25.39 63.59
CA SER E 59 13.17 -26.45 62.58
C SER E 59 13.83 -27.68 63.16
N TYR E 60 13.28 -28.84 62.85
CA TYR E 60 13.80 -30.08 63.37
C TYR E 60 14.04 -31.08 62.27
N ASN E 61 14.79 -32.12 62.62
CA ASN E 61 15.07 -33.23 61.75
C ASN E 61 13.84 -34.08 61.97
N GLN E 62 13.15 -34.49 60.92
CA GLN E 62 11.94 -35.29 61.06
C GLN E 62 12.16 -36.40 62.09
N LYS E 63 13.35 -37.00 62.06
CA LYS E 63 13.67 -38.05 63.00
C LYS E 63 13.53 -37.60 64.48
N PHE E 64 13.92 -36.37 64.79
CA PHE E 64 13.87 -35.88 66.17
C PHE E 64 12.71 -35.02 66.61
N LYS E 65 11.78 -34.74 65.71
CA LYS E 65 10.64 -33.95 66.13
C LYS E 65 9.76 -34.93 66.88
N ASP E 66 9.46 -34.59 68.14
CA ASP E 66 8.66 -35.40 69.07
C ASP E 66 9.57 -35.75 70.25
N LYS E 67 10.87 -35.87 69.98
CA LYS E 67 11.80 -36.20 71.04
C LYS E 67 12.37 -34.97 71.68
N ALA E 68 12.76 -34.00 70.86
CA ALA E 68 13.39 -32.78 71.35
C ALA E 68 12.57 -31.51 71.21
N THR E 69 12.87 -30.53 72.06
CA THR E 69 12.22 -29.23 72.09
C THR E 69 13.28 -28.15 72.31
N LEU E 70 13.45 -27.27 71.32
CA LEU E 70 14.42 -26.19 71.41
C LEU E 70 13.83 -24.91 72.02
N THR E 71 14.59 -24.32 72.94
CA THR E 71 14.19 -23.16 73.69
C THR E 71 15.43 -22.37 74.07
N ALA E 72 15.27 -21.13 74.53
CA ALA E 72 16.40 -20.30 74.93
C ALA E 72 15.98 -19.19 75.87
N ASP E 73 16.96 -18.61 76.54
CA ASP E 73 16.74 -17.50 77.46
C ASP E 73 17.66 -16.38 76.93
N LYS E 74 17.09 -15.43 76.22
CA LYS E 74 17.86 -14.34 75.63
C LYS E 74 18.61 -13.47 76.60
N SER E 75 18.09 -13.34 77.83
CA SER E 75 18.74 -12.51 78.84
C SER E 75 20.04 -13.13 79.34
N SER E 76 19.97 -14.38 79.77
CA SER E 76 21.15 -15.07 80.26
C SER E 76 22.02 -15.64 79.14
N ASN E 77 21.60 -15.42 77.89
CA ASN E 77 22.35 -15.92 76.75
C ASN E 77 22.58 -17.43 76.88
N THR E 78 21.52 -18.14 77.26
CA THR E 78 21.58 -19.58 77.42
C THR E 78 20.54 -20.20 76.51
N ALA E 79 20.89 -21.29 75.86
CA ALA E 79 20.00 -22.03 74.97
C ALA E 79 19.74 -23.39 75.65
N TYR E 80 18.56 -23.97 75.47
CA TYR E 80 18.25 -25.27 76.11
C TYR E 80 17.68 -26.27 75.11
N MET E 81 17.76 -27.55 75.50
CA MET E 81 17.18 -28.63 74.73
C MET E 81 16.64 -29.63 75.72
N GLN E 82 15.37 -29.97 75.55
CA GLN E 82 14.71 -30.94 76.40
C GLN E 82 14.39 -32.15 75.55
N LEU E 83 14.68 -33.31 76.12
CA LEU E 83 14.44 -34.60 75.47
C LEU E 83 13.43 -35.28 76.39
N SER E 84 12.35 -35.77 75.81
CA SER E 84 11.30 -36.39 76.61
C SER E 84 11.12 -37.87 76.39
N SER E 85 10.47 -38.52 77.35
CA SER E 85 10.18 -39.95 77.28
C SER E 85 11.43 -40.74 76.94
N LEU E 86 12.46 -40.53 77.74
CA LEU E 86 13.74 -41.17 77.54
C LEU E 86 13.73 -42.71 77.49
N THR E 87 14.45 -43.24 76.52
CA THR E 87 14.63 -44.67 76.30
C THR E 87 16.15 -44.87 76.19
N SER E 88 16.63 -46.08 76.42
CA SER E 88 18.07 -46.33 76.31
C SER E 88 18.62 -45.94 74.93
N GLU E 89 17.73 -45.81 73.94
CA GLU E 89 18.16 -45.41 72.60
C GLU E 89 18.66 -43.96 72.60
N ASP E 90 18.37 -43.25 73.68
CA ASP E 90 18.79 -41.86 73.78
C ASP E 90 20.11 -41.68 74.50
N SER E 91 20.69 -42.77 75.02
CA SER E 91 21.97 -42.67 75.71
C SER E 91 22.96 -42.27 74.63
N ALA E 92 23.65 -41.14 74.81
CA ALA E 92 24.60 -40.64 73.82
C ALA E 92 25.23 -39.39 74.33
N VAL E 93 25.94 -38.68 73.45
CA VAL E 93 26.59 -37.44 73.79
C VAL E 93 25.94 -36.37 72.96
N TYR E 94 25.60 -35.24 73.56
CA TYR E 94 24.92 -34.17 72.85
C TYR E 94 25.73 -32.88 72.78
N TYR E 95 25.80 -32.28 71.59
CA TYR E 95 26.55 -31.05 71.37
C TYR E 95 25.67 -29.90 70.88
N CYS E 96 26.15 -28.67 71.07
CA CYS E 96 25.50 -27.46 70.58
C CYS E 96 26.64 -26.77 69.81
N ALA E 97 26.36 -26.35 68.59
CA ALA E 97 27.34 -25.67 67.74
C ALA E 97 26.70 -24.38 67.26
N ARG E 98 27.51 -23.46 66.72
CA ARG E 98 27.05 -22.16 66.24
C ARG E 98 27.18 -22.09 64.72
N SER E 99 26.24 -21.40 64.09
CA SER E 99 26.26 -21.26 62.64
C SER E 99 27.39 -20.36 62.21
N GLY E 100 28.31 -20.91 61.44
CA GLY E 100 29.41 -20.12 60.92
C GLY E 100 28.90 -19.04 59.99
N GLY E 101 27.70 -19.27 59.45
CA GLY E 101 27.10 -18.29 58.54
C GLY E 101 26.10 -17.38 59.22
N SER E 102 26.24 -17.18 60.53
CA SER E 102 25.35 -16.33 61.34
C SER E 102 23.88 -16.79 61.28
N TYR E 103 23.03 -16.07 60.55
CA TYR E 103 21.64 -16.47 60.44
C TYR E 103 21.37 -17.29 59.18
N ARG E 104 22.39 -17.48 58.35
CA ARG E 104 22.26 -18.26 57.13
C ARG E 104 22.59 -19.73 57.39
N TYR E 105 22.21 -20.61 56.47
CA TYR E 105 22.45 -22.04 56.67
C TYR E 105 23.63 -22.59 55.89
N ASP E 106 24.75 -21.87 55.93
CA ASP E 106 25.98 -22.29 55.26
C ASP E 106 27.14 -21.77 56.12
N GLY E 107 28.38 -22.09 55.74
CA GLY E 107 29.53 -21.65 56.52
C GLY E 107 29.93 -22.66 57.59
N GLY E 108 29.20 -23.78 57.67
CA GLY E 108 29.48 -24.82 58.65
C GLY E 108 29.21 -24.46 60.10
N PHE E 109 29.52 -25.37 61.02
CA PHE E 109 29.35 -25.13 62.45
C PHE E 109 30.74 -24.69 62.89
N ASP E 110 30.93 -23.38 63.10
CA ASP E 110 32.25 -22.87 63.47
C ASP E 110 32.78 -23.00 64.90
N TYR E 111 31.90 -23.14 65.90
CA TYR E 111 32.31 -23.31 67.32
C TYR E 111 31.39 -24.28 68.03
N TRP E 112 31.94 -25.28 68.70
CA TRP E 112 31.13 -26.28 69.39
C TRP E 112 31.29 -26.29 70.92
N GLY E 113 30.34 -26.90 71.62
CA GLY E 113 30.44 -27.01 73.06
C GLY E 113 31.17 -28.33 73.32
N GLN E 114 31.55 -28.61 74.56
CA GLN E 114 32.25 -29.88 74.85
C GLN E 114 31.35 -31.09 74.93
N GLY E 115 30.02 -30.89 74.88
CA GLY E 115 29.08 -32.00 74.94
C GLY E 115 28.57 -32.38 76.32
N THR E 116 27.33 -32.86 76.39
CA THR E 116 26.74 -33.31 77.66
C THR E 116 26.32 -34.75 77.40
N THR E 117 26.65 -35.65 78.32
CA THR E 117 26.30 -37.04 78.13
C THR E 117 25.04 -37.41 78.92
N VAL E 118 24.10 -38.06 78.25
CA VAL E 118 22.88 -38.50 78.92
C VAL E 118 22.95 -40.02 78.93
N THR E 119 22.80 -40.61 80.11
CA THR E 119 22.83 -42.06 80.30
C THR E 119 21.50 -42.55 80.83
N VAL E 120 20.73 -43.19 79.96
CA VAL E 120 19.40 -43.68 80.34
C VAL E 120 19.38 -45.18 80.62
N SER E 121 18.79 -45.56 81.75
CA SER E 121 18.65 -46.96 82.17
C SER E 121 18.15 -47.06 83.61
N SER E 122 17.70 -48.25 83.98
CA SER E 122 17.20 -48.46 85.35
C SER E 122 18.35 -48.75 86.31
N ASP F 1 17.61 -37.97 52.76
CA ASP F 1 18.45 -36.82 52.34
C ASP F 1 19.78 -37.32 51.76
N ILE F 2 20.69 -36.40 51.52
CA ILE F 2 21.99 -36.70 50.98
C ILE F 2 22.75 -37.54 51.99
N GLU F 3 23.31 -38.67 51.55
CA GLU F 3 24.10 -39.53 52.44
C GLU F 3 25.59 -39.29 52.11
N LEU F 4 26.42 -39.11 53.15
CA LEU F 4 27.84 -38.91 52.94
C LEU F 4 28.59 -40.17 53.37
N THR F 5 29.48 -40.64 52.51
CA THR F 5 30.24 -41.85 52.78
C THR F 5 31.74 -41.59 52.82
N GLN F 6 32.34 -41.86 53.98
CA GLN F 6 33.77 -41.69 54.13
C GLN F 6 34.38 -43.07 53.98
N THR F 7 35.08 -43.27 52.87
CA THR F 7 35.72 -44.54 52.60
C THR F 7 36.78 -44.75 53.69
N THR F 8 36.93 -45.99 54.12
CA THR F 8 37.89 -46.36 55.17
C THR F 8 37.80 -45.55 56.47
N SER F 9 37.51 -46.26 57.54
CA SER F 9 37.37 -45.65 58.86
C SER F 9 38.66 -45.55 59.65
N SER F 10 39.74 -46.11 59.12
CA SER F 10 41.03 -46.10 59.82
C SER F 10 42.20 -45.76 58.91
N LEU F 11 43.13 -45.00 59.45
CA LEU F 11 44.30 -44.61 58.70
C LEU F 11 45.52 -44.61 59.61
N SER F 12 46.23 -45.73 59.61
CA SER F 12 47.46 -45.85 60.40
C SER F 12 48.55 -45.21 59.56
N ALA F 13 49.21 -44.20 60.10
CA ALA F 13 50.26 -43.51 59.37
C ALA F 13 51.41 -43.19 60.31
N SER F 14 52.48 -42.66 59.75
CA SER F 14 53.66 -42.32 60.55
C SER F 14 53.89 -40.83 60.51
N LEU F 15 54.26 -40.28 61.65
CA LEU F 15 54.53 -38.85 61.77
C LEU F 15 55.41 -38.38 60.62
N GLY F 16 55.09 -37.21 60.09
CA GLY F 16 55.86 -36.65 58.99
C GLY F 16 55.25 -36.83 57.61
N ASP F 17 54.54 -37.93 57.36
CA ASP F 17 53.96 -38.14 56.04
C ASP F 17 52.74 -37.27 55.66
N ARG F 18 52.14 -37.61 54.51
CA ARG F 18 51.01 -36.90 53.95
C ARG F 18 49.82 -37.82 53.69
N VAL F 19 48.79 -37.72 54.53
CA VAL F 19 47.59 -38.57 54.39
C VAL F 19 46.48 -37.88 53.59
N THR F 20 45.53 -38.67 53.12
CA THR F 20 44.42 -38.14 52.35
C THR F 20 43.15 -38.90 52.62
N ILE F 21 42.18 -38.21 53.21
CA ILE F 21 40.88 -38.80 53.54
C ILE F 21 39.81 -38.28 52.59
N SER F 22 38.90 -39.16 52.20
CA SER F 22 37.85 -38.78 51.26
C SER F 22 36.41 -39.00 51.70
N CYS F 23 35.52 -38.26 51.04
CA CYS F 23 34.09 -38.26 51.32
C CYS F 23 33.37 -38.23 49.96
N ARG F 24 32.30 -39.01 49.82
CA ARG F 24 31.56 -39.01 48.56
C ARG F 24 30.08 -38.82 48.85
N ALA F 25 29.49 -37.84 48.16
CA ALA F 25 28.09 -37.50 48.32
C ALA F 25 27.16 -38.24 47.38
N SER F 26 26.01 -38.66 47.90
CA SER F 26 25.00 -39.37 47.13
C SER F 26 24.51 -38.54 45.95
N GLN F 27 24.72 -37.23 46.02
CA GLN F 27 24.30 -36.39 44.91
C GLN F 27 25.13 -35.13 44.83
N ASP F 28 24.95 -34.36 43.78
CA ASP F 28 25.73 -33.14 43.62
C ASP F 28 25.33 -32.20 44.76
N ILE F 29 26.33 -31.67 45.46
CA ILE F 29 26.09 -30.77 46.58
C ILE F 29 26.77 -29.44 46.39
N SER F 30 27.04 -29.10 45.13
CA SER F 30 27.69 -27.86 44.73
C SER F 30 28.73 -27.25 45.67
N ASN F 31 29.70 -28.06 46.10
CA ASN F 31 30.79 -27.59 46.96
C ASN F 31 30.43 -27.24 48.39
N TYR F 32 29.17 -27.46 48.74
CA TYR F 32 28.69 -27.18 50.09
C TYR F 32 29.05 -28.36 50.97
N LEU F 33 30.34 -28.53 51.23
CA LEU F 33 30.80 -29.62 52.09
C LEU F 33 31.92 -29.09 53.00
N ASN F 34 31.88 -29.47 54.29
CA ASN F 34 32.86 -29.03 55.31
C ASN F 34 33.56 -30.19 56.03
N TRP F 35 34.67 -29.88 56.74
CA TRP F 35 35.46 -30.89 57.49
C TRP F 35 35.68 -30.53 58.96
N TYR F 36 35.53 -31.52 59.83
CA TYR F 36 35.72 -31.34 61.27
C TYR F 36 36.74 -32.33 61.86
N GLN F 37 37.33 -31.92 62.98
CA GLN F 37 38.30 -32.71 63.72
C GLN F 37 37.83 -32.95 65.15
N GLN F 38 37.52 -34.20 65.48
CA GLN F 38 37.12 -34.51 66.85
C GLN F 38 38.30 -35.17 67.58
N ASN F 39 38.84 -34.46 68.57
CA ASN F 39 39.95 -34.96 69.37
C ASN F 39 39.51 -36.14 70.22
N PRO F 40 40.47 -36.89 70.75
CA PRO F 40 40.15 -38.04 71.60
C PRO F 40 39.62 -37.62 72.99
N ASP F 41 39.62 -36.33 73.26
CA ASP F 41 39.14 -35.82 74.55
C ASP F 41 37.72 -35.26 74.44
N GLY F 42 37.15 -35.31 73.24
CA GLY F 42 35.79 -34.82 73.03
C GLY F 42 35.63 -33.54 72.23
N THR F 43 36.68 -32.72 72.22
CA THR F 43 36.72 -31.45 71.51
C THR F 43 36.51 -31.61 69.99
N VAL F 44 35.63 -30.78 69.42
CA VAL F 44 35.37 -30.81 67.97
C VAL F 44 35.78 -29.46 67.43
N LYS F 45 36.42 -29.45 66.25
CA LYS F 45 36.89 -28.21 65.61
C LYS F 45 36.64 -28.17 64.10
N LEU F 46 36.23 -27.02 63.58
CA LEU F 46 35.98 -26.85 62.12
C LEU F 46 37.32 -26.54 61.46
N LEU F 47 37.68 -27.32 60.44
CA LEU F 47 38.95 -27.12 59.75
C LEU F 47 38.77 -26.32 58.46
N ILE F 48 38.04 -26.94 57.52
CA ILE F 48 37.75 -26.39 56.20
C ILE F 48 36.23 -26.25 56.05
N TYR F 49 35.80 -25.25 55.26
CA TYR F 49 34.39 -25.04 54.97
C TYR F 49 34.30 -24.61 53.52
N TYR F 50 33.26 -25.09 52.84
CA TYR F 50 33.01 -24.78 51.43
C TYR F 50 34.07 -25.34 50.51
N THR F 51 34.34 -26.63 50.71
CA THR F 51 35.29 -27.39 49.92
C THR F 51 36.77 -27.08 50.19
N SER F 52 37.13 -25.82 50.36
CA SER F 52 38.52 -25.49 50.59
C SER F 52 38.85 -24.27 51.44
N ASN F 53 37.87 -23.66 52.09
CA ASN F 53 38.17 -22.47 52.89
C ASN F 53 38.63 -22.90 54.27
N LEU F 54 39.71 -22.28 54.74
CA LEU F 54 40.26 -22.62 56.05
C LEU F 54 39.64 -21.77 57.14
N HIS F 55 39.26 -22.39 58.24
CA HIS F 55 38.69 -21.64 59.34
C HIS F 55 39.88 -20.95 60.00
N SER F 56 39.64 -19.83 60.67
CA SER F 56 40.73 -19.10 61.32
C SER F 56 41.60 -19.92 62.27
N GLU F 57 42.91 -19.70 62.17
CA GLU F 57 43.94 -20.37 62.99
C GLU F 57 44.05 -21.89 62.81
N VAL F 58 43.86 -22.34 61.57
CA VAL F 58 43.97 -23.75 61.25
C VAL F 58 45.31 -23.96 60.53
N PRO F 59 46.17 -24.83 61.09
CA PRO F 59 47.47 -25.11 60.48
C PRO F 59 47.38 -25.37 58.97
N SER F 60 48.12 -24.54 58.24
CA SER F 60 48.18 -24.55 56.77
C SER F 60 48.51 -25.86 56.08
N ARG F 61 48.82 -26.90 56.85
CA ARG F 61 49.14 -28.19 56.26
C ARG F 61 47.85 -28.93 55.90
N PHE F 62 46.72 -28.35 56.33
CA PHE F 62 45.41 -28.91 56.04
C PHE F 62 44.91 -28.24 54.78
N SER F 63 44.37 -29.01 53.85
CA SER F 63 43.85 -28.47 52.62
C SER F 63 42.71 -29.36 52.13
N GLY F 64 41.77 -28.78 51.38
CA GLY F 64 40.67 -29.58 50.89
C GLY F 64 40.36 -29.28 49.45
N SER F 65 39.63 -30.18 48.80
CA SER F 65 39.28 -29.99 47.40
C SER F 65 38.18 -30.96 46.98
N GLY F 66 37.67 -30.77 45.76
CA GLY F 66 36.64 -31.63 45.24
C GLY F 66 35.61 -30.84 44.44
N SER F 67 34.60 -31.54 43.95
CA SER F 67 33.52 -30.93 43.18
C SER F 67 32.47 -32.00 42.93
N GLY F 68 31.27 -31.57 42.53
CA GLY F 68 30.21 -32.53 42.29
C GLY F 68 29.92 -33.36 43.51
N THR F 69 30.29 -34.64 43.44
CA THR F 69 30.07 -35.59 44.53
C THR F 69 31.33 -36.04 45.25
N ASP F 70 32.49 -35.83 44.65
CA ASP F 70 33.73 -36.28 45.29
C ASP F 70 34.59 -35.15 45.86
N TYR F 71 34.95 -35.29 47.13
CA TYR F 71 35.77 -34.30 47.87
C TYR F 71 36.84 -34.99 48.73
N SER F 72 37.91 -34.26 49.06
CA SER F 72 39.04 -34.80 49.84
C SER F 72 39.73 -33.78 50.75
N LEU F 73 40.37 -34.29 51.80
CA LEU F 73 41.12 -33.47 52.76
C LEU F 73 42.53 -34.03 52.81
N THR F 74 43.51 -33.14 52.79
CA THR F 74 44.91 -33.55 52.80
C THR F 74 45.73 -32.85 53.86
N ILE F 75 46.50 -33.65 54.59
CA ILE F 75 47.38 -33.17 55.64
C ILE F 75 48.81 -33.48 55.18
N SER F 76 49.52 -32.45 54.75
CA SER F 76 50.89 -32.54 54.23
C SER F 76 51.93 -33.31 55.03
N ASN F 77 52.23 -32.83 56.23
CA ASN F 77 53.23 -33.47 57.04
C ASN F 77 52.75 -33.63 58.46
N LEU F 78 52.20 -34.82 58.75
CA LEU F 78 51.65 -35.17 60.05
C LEU F 78 52.46 -34.78 61.28
N GLU F 79 51.74 -34.39 62.34
CA GLU F 79 52.34 -34.04 63.62
C GLU F 79 51.60 -34.93 64.62
N GLN F 80 52.05 -34.94 65.87
CA GLN F 80 51.41 -35.79 66.85
C GLN F 80 50.00 -35.32 67.21
N GLU F 81 49.78 -34.00 67.14
CA GLU F 81 48.47 -33.44 67.46
C GLU F 81 47.40 -33.68 66.39
N ASP F 82 47.76 -34.37 65.31
CA ASP F 82 46.82 -34.65 64.25
C ASP F 82 46.09 -35.96 64.45
N ILE F 83 46.31 -36.58 65.61
CA ILE F 83 45.66 -37.84 65.97
C ILE F 83 44.22 -37.51 66.41
N ALA F 84 43.26 -37.86 65.56
CA ALA F 84 41.85 -37.58 65.81
C ALA F 84 41.01 -38.33 64.80
N THR F 85 39.70 -38.11 64.83
CA THR F 85 38.74 -38.70 63.88
C THR F 85 38.30 -37.52 63.04
N TYR F 86 38.23 -37.70 61.73
CA TYR F 86 37.84 -36.60 60.83
C TYR F 86 36.49 -36.91 60.19
N PHE F 87 35.61 -35.90 60.16
CA PHE F 87 34.27 -36.06 59.59
C PHE F 87 33.99 -35.03 58.49
N CYS F 88 33.16 -35.40 57.52
CA CYS F 88 32.78 -34.47 56.45
C CYS F 88 31.27 -34.23 56.65
N GLN F 89 30.79 -33.04 56.31
CA GLN F 89 29.38 -32.70 56.46
C GLN F 89 28.89 -31.80 55.32
N GLN F 90 27.63 -31.95 54.93
CA GLN F 90 27.08 -31.13 53.87
C GLN F 90 26.04 -30.12 54.39
N ASP F 91 25.91 -29.03 53.64
CA ASP F 91 24.94 -28.02 53.99
C ASP F 91 24.39 -27.40 52.73
N PHE F 92 24.20 -28.24 51.71
CA PHE F 92 23.63 -27.79 50.46
C PHE F 92 22.11 -27.74 50.67
N THR F 93 21.59 -28.69 51.45
CA THR F 93 20.17 -28.76 51.72
C THR F 93 19.94 -29.40 53.08
N LEU F 94 18.80 -29.09 53.69
CA LEU F 94 18.46 -29.61 55.01
C LEU F 94 17.67 -30.91 54.86
N PRO F 95 17.81 -31.85 55.83
CA PRO F 95 18.65 -31.71 57.01
C PRO F 95 20.12 -31.95 56.74
N PHE F 96 20.93 -31.34 57.59
CA PHE F 96 22.36 -31.46 57.52
C PHE F 96 22.73 -32.94 57.82
N THR F 97 23.73 -33.48 57.11
CA THR F 97 24.20 -34.85 57.32
C THR F 97 25.73 -34.90 57.38
N PHE F 98 26.24 -35.77 58.24
CA PHE F 98 27.71 -35.95 58.43
C PHE F 98 28.16 -37.30 57.87
N GLY F 99 29.47 -37.44 57.69
CA GLY F 99 30.05 -38.67 57.19
C GLY F 99 30.32 -39.63 58.35
N GLY F 100 30.77 -40.83 58.04
CA GLY F 100 31.02 -41.80 59.09
C GLY F 100 32.25 -41.55 59.96
N GLY F 101 33.14 -40.70 59.48
CA GLY F 101 34.36 -40.42 60.21
C GLY F 101 35.48 -41.38 59.83
N THR F 102 36.71 -40.96 60.04
CA THR F 102 37.88 -41.75 59.76
C THR F 102 38.90 -41.53 60.87
N LYS F 103 39.13 -42.58 61.67
CA LYS F 103 40.07 -42.56 62.76
C LYS F 103 41.50 -42.64 62.22
N LEU F 104 42.30 -41.62 62.54
CA LEU F 104 43.67 -41.53 62.10
C LEU F 104 44.63 -41.87 63.23
N GLU F 105 45.37 -42.96 63.07
CA GLU F 105 46.32 -43.36 64.09
C GLU F 105 47.76 -43.41 63.60
N ILE F 106 48.61 -42.61 64.25
CA ILE F 106 50.02 -42.57 63.95
C ILE F 106 50.60 -43.89 64.47
N ARG F 107 50.61 -44.88 63.58
CA ARG F 107 51.08 -46.24 63.87
C ARG F 107 52.44 -46.35 64.56
N ASP F 108 52.41 -46.94 65.76
CA ASP F 108 53.59 -47.16 66.59
C ASP F 108 54.53 -48.20 65.98
N TYR F 109 53.97 -49.36 65.65
CA TYR F 109 54.72 -50.45 65.07
C TYR F 109 53.72 -51.50 64.62
#